data_5T1X
#
_entry.id   5T1X
#
_cell.length_a   47.700
_cell.length_b   82.710
_cell.length_c   122.700
_cell.angle_alpha   90.000
_cell.angle_beta   91.760
_cell.angle_gamma   90.000
#
_symmetry.space_group_name_H-M   'P 1 21 1'
#
loop_
_entity.id
_entity.type
_entity.pdbx_description
1 polymer Lectin
2 polymer Lectin
3 non-polymer 1,2-ETHANEDIOL
4 non-polymer '4-(2-HYDROXYETHYL)-1-PIPERAZINE ETHANESULFONIC ACID'
5 non-polymer 'TRIETHYLENE GLYCOL'
6 water water
#
loop_
_entity_poly.entity_id
_entity_poly.type
_entity_poly.pdbx_seq_one_letter_code
_entity_poly.pdbx_strand_id
1 'polypeptide(L)'
;LGTNYLLSGQTLNTDGHLKNGDFDLVMQNDCNLVLYNGNWQSNTANNGRDCKLTLTDYGELVIKNGDGSTVWRSRAKSVK
GNYAAVLHPDGRLVVFGPSVFKIDPWVPGL
;
A,C,E,G
2 'polypeptide(L)'
;NIPFTDNLLFSGQVLYGDGRLTAKNHQLVMQGDCNLVLYGGKYGWQSNTHGNGEHCFLRLNHKGELIIKDDDFKTIWSSN
SSSKQGDYVLILRDDGFAVIYGPAIWETSA
;
B,D,F,H
#
loop_
_chem_comp.id
_chem_comp.type
_chem_comp.name
_chem_comp.formula
EDO non-polymer 1,2-ETHANEDIOL 'C2 H6 O2'
EPE non-polymer '4-(2-HYDROXYETHYL)-1-PIPERAZINE ETHANESULFONIC ACID' 'C8 H18 N2 O4 S'
PGE non-polymer 'TRIETHYLENE GLYCOL' 'C6 H14 O4'
#
# COMPACT_ATOMS: atom_id res chain seq x y z
N LEU A 1 11.15 11.77 -22.24
CA LEU A 1 11.08 10.38 -21.80
C LEU A 1 10.07 10.26 -20.68
N GLY A 2 9.26 9.20 -20.68
CA GLY A 2 8.32 8.98 -19.59
C GLY A 2 9.03 8.28 -18.45
N THR A 3 8.43 8.24 -17.26
CA THR A 3 9.08 7.50 -16.15
C THR A 3 9.04 6.00 -16.41
N ASN A 4 8.05 5.54 -17.18
CA ASN A 4 7.81 4.13 -17.46
C ASN A 4 7.55 3.85 -18.95
N TYR A 5 7.92 4.79 -19.83
CA TYR A 5 7.78 4.56 -21.28
C TYR A 5 8.84 5.29 -22.06
N LEU A 6 9.07 4.79 -23.29
CA LEU A 6 9.96 5.35 -24.29
C LEU A 6 9.17 5.44 -25.58
N LEU A 7 9.02 6.65 -26.13
CA LEU A 7 8.29 6.84 -27.40
C LEU A 7 9.27 6.81 -28.55
N SER A 8 8.80 6.43 -29.76
CA SER A 8 9.65 6.44 -30.94
C SER A 8 10.17 7.88 -31.15
N GLY A 9 11.49 8.01 -31.30
CA GLY A 9 12.15 9.30 -31.42
C GLY A 9 12.83 9.76 -30.13
N GLN A 10 12.49 9.13 -28.98
CA GLN A 10 13.12 9.45 -27.70
C GLN A 10 14.33 8.54 -27.45
N THR A 11 15.17 8.89 -26.47
CA THR A 11 16.36 8.12 -26.12
C THR A 11 16.42 7.85 -24.62
N LEU A 12 16.71 6.59 -24.26
CA LEU A 12 17.02 6.19 -22.89
C LEU A 12 18.54 6.19 -22.85
N ASN A 13 19.12 7.25 -22.26
CA ASN A 13 20.57 7.47 -22.20
C ASN A 13 21.28 6.47 -21.29
N THR A 14 22.63 6.47 -21.36
CA THR A 14 23.52 5.62 -20.59
C THR A 14 23.25 5.79 -19.10
N ASP A 15 23.04 4.66 -18.41
CA ASP A 15 22.72 4.51 -16.98
C ASP A 15 21.32 5.07 -16.65
N GLY A 16 20.48 5.21 -17.68
CA GLY A 16 19.11 5.69 -17.53
C GLY A 16 18.15 4.59 -17.14
N HIS A 17 17.00 4.98 -16.56
CA HIS A 17 15.98 4.03 -16.12
C HIS A 17 14.60 4.28 -16.66
N LEU A 18 13.83 3.19 -16.77
CA LEU A 18 12.37 3.12 -16.86
C LEU A 18 11.98 2.32 -15.63
N LYS A 19 10.96 2.75 -14.86
CA LYS A 19 10.63 2.00 -13.65
C LYS A 19 9.14 1.96 -13.43
N ASN A 20 8.65 0.79 -13.00
CA ASN A 20 7.24 0.63 -12.63
C ASN A 20 7.22 -0.33 -11.42
N GLY A 21 7.06 0.24 -10.22
CA GLY A 21 7.11 -0.52 -8.98
C GLY A 21 8.49 -1.09 -8.77
N ASP A 22 8.60 -2.41 -8.52
CA ASP A 22 9.88 -3.08 -8.29
C ASP A 22 10.64 -3.38 -9.58
N PHE A 23 10.00 -3.21 -10.74
CA PHE A 23 10.59 -3.50 -12.04
C PHE A 23 11.35 -2.30 -12.55
N ASP A 24 12.65 -2.50 -12.80
CA ASP A 24 13.59 -1.44 -13.16
C ASP A 24 14.38 -1.80 -14.42
N LEU A 25 14.09 -1.11 -15.53
CA LEU A 25 14.78 -1.29 -16.81
C LEU A 25 15.95 -0.32 -16.84
N VAL A 26 17.17 -0.86 -16.95
CA VAL A 26 18.37 -0.01 -16.96
C VAL A 26 19.19 -0.21 -18.24
N MET A 27 19.48 0.90 -18.94
CA MET A 27 20.38 0.92 -20.10
C MET A 27 21.75 1.14 -19.50
N GLN A 28 22.48 0.08 -19.22
CA GLN A 28 23.71 0.18 -18.45
C GLN A 28 24.92 0.69 -19.23
N ASN A 29 25.93 1.20 -18.48
CA ASN A 29 27.20 1.72 -19.01
C ASN A 29 28.05 0.60 -19.64
N ASP A 30 27.74 -0.68 -19.31
CA ASP A 30 28.41 -1.84 -19.89
C ASP A 30 27.66 -2.32 -21.16
N CYS A 31 26.75 -1.47 -21.71
CA CYS A 31 25.94 -1.70 -22.92
C CYS A 31 24.89 -2.83 -22.75
N ASN A 32 24.68 -3.35 -21.53
CA ASN A 32 23.66 -4.36 -21.29
C ASN A 32 22.34 -3.69 -20.88
N LEU A 33 21.21 -4.08 -21.51
CA LEU A 33 19.90 -3.56 -21.15
C LEU A 33 19.25 -4.61 -20.27
N VAL A 34 19.06 -4.31 -18.98
CA VAL A 34 18.56 -5.32 -18.05
C VAL A 34 17.25 -4.88 -17.41
N LEU A 35 16.30 -5.81 -17.32
CA LEU A 35 15.03 -5.56 -16.67
C LEU A 35 15.08 -6.23 -15.30
N TYR A 36 15.52 -5.46 -14.28
CA TYR A 36 15.67 -6.00 -12.93
C TYR A 36 14.32 -6.41 -12.35
N ASN A 37 14.27 -7.68 -11.86
CA ASN A 37 13.13 -8.39 -11.29
C ASN A 37 12.16 -8.88 -12.37
N GLY A 38 12.49 -8.66 -13.64
CA GLY A 38 11.70 -9.09 -14.77
C GLY A 38 12.28 -10.25 -15.56
N ASN A 39 13.39 -10.84 -15.06
CA ASN A 39 14.09 -11.99 -15.64
C ASN A 39 14.36 -11.82 -17.14
N TRP A 40 14.90 -10.65 -17.54
CA TRP A 40 15.24 -10.35 -18.92
C TRP A 40 16.43 -9.41 -19.03
N GLN A 41 17.26 -9.66 -20.03
CA GLN A 41 18.42 -8.84 -20.41
C GLN A 41 18.66 -8.99 -21.92
N SER A 42 19.24 -7.95 -22.54
CA SER A 42 19.59 -7.95 -23.96
C SER A 42 20.82 -8.84 -24.20
N ASN A 43 21.58 -9.14 -23.12
CA ASN A 43 22.79 -9.99 -23.08
C ASN A 43 23.88 -9.40 -23.99
N THR A 44 24.12 -8.08 -23.84
CA THR A 44 25.11 -7.33 -24.64
C THR A 44 26.13 -6.64 -23.71
N ALA A 45 26.48 -7.29 -22.58
CA ALA A 45 27.44 -6.77 -21.62
C ALA A 45 28.85 -6.69 -22.22
N ASN A 46 29.50 -5.51 -22.06
CA ASN A 46 30.84 -5.10 -22.53
C ASN A 46 30.91 -4.98 -24.07
N ASN A 47 29.76 -4.83 -24.75
CA ASN A 47 29.71 -4.71 -26.21
C ASN A 47 29.86 -3.26 -26.72
N GLY A 48 30.02 -2.30 -25.80
CA GLY A 48 30.17 -0.90 -26.16
C GLY A 48 30.22 0.09 -25.01
N ARG A 49 30.55 1.35 -25.34
CA ARG A 49 30.65 2.47 -24.41
C ARG A 49 29.65 3.56 -24.80
N ASP A 50 29.09 4.26 -23.79
CA ASP A 50 28.11 5.34 -23.93
C ASP A 50 26.89 4.87 -24.77
N CYS A 51 26.37 3.66 -24.44
CA CYS A 51 25.24 3.03 -25.15
C CYS A 51 23.91 3.66 -24.78
N LYS A 52 23.00 3.72 -25.77
CA LYS A 52 21.67 4.33 -25.66
C LYS A 52 20.60 3.44 -26.27
N LEU A 53 19.37 3.53 -25.74
CA LEU A 53 18.22 2.79 -26.23
C LEU A 53 17.31 3.73 -26.99
N THR A 54 16.91 3.33 -28.21
CA THR A 54 15.99 4.11 -29.03
C THR A 54 14.89 3.19 -29.56
N LEU A 55 13.84 3.79 -30.10
CA LEU A 55 12.70 3.06 -30.65
C LEU A 55 12.44 3.65 -32.03
N THR A 56 12.55 2.81 -33.08
CA THR A 56 12.37 3.28 -34.46
C THR A 56 10.90 3.60 -34.76
N ASP A 57 10.67 4.26 -35.92
CA ASP A 57 9.34 4.61 -36.42
C ASP A 57 8.59 3.35 -36.89
N TYR A 58 9.22 2.17 -36.81
CA TYR A 58 8.63 0.89 -37.16
C TYR A 58 8.43 0.01 -35.90
N GLY A 59 8.71 0.60 -34.73
CA GLY A 59 8.51 -0.05 -33.44
C GLY A 59 9.59 -1.00 -33.00
N GLU A 60 10.81 -0.85 -33.55
CA GLU A 60 11.90 -1.71 -33.18
C GLU A 60 12.76 -1.04 -32.11
N LEU A 61 13.02 -1.76 -31.00
CA LEU A 61 13.93 -1.27 -29.96
C LEU A 61 15.36 -1.45 -30.47
N VAL A 62 16.24 -0.43 -30.30
CA VAL A 62 17.62 -0.50 -30.81
C VAL A 62 18.59 0.02 -29.75
N ILE A 63 19.67 -0.74 -29.50
CA ILE A 63 20.78 -0.34 -28.64
C ILE A 63 21.92 0.06 -29.57
N LYS A 64 22.45 1.27 -29.40
CA LYS A 64 23.58 1.79 -30.17
C LYS A 64 24.66 2.31 -29.23
N ASN A 65 25.94 2.17 -29.60
CA ASN A 65 27.04 2.69 -28.77
C ASN A 65 27.19 4.21 -29.01
N GLY A 66 28.19 4.83 -28.38
CA GLY A 66 28.49 6.25 -28.51
C GLY A 66 28.82 6.70 -29.93
N ASP A 67 29.40 5.78 -30.73
CA ASP A 67 29.77 6.01 -32.13
C ASP A 67 28.56 5.87 -33.08
N GLY A 68 27.46 5.32 -32.58
CA GLY A 68 26.22 5.14 -33.34
C GLY A 68 26.03 3.78 -33.98
N SER A 69 26.94 2.82 -33.71
CA SER A 69 26.87 1.46 -34.24
C SER A 69 25.87 0.61 -33.45
N THR A 70 25.02 -0.15 -34.17
CA THR A 70 23.99 -0.99 -33.56
C THR A 70 24.63 -2.19 -32.84
N VAL A 71 24.16 -2.44 -31.61
CA VAL A 71 24.62 -3.49 -30.70
C VAL A 71 23.55 -4.60 -30.58
N TRP A 72 22.27 -4.22 -30.58
CA TRP A 72 21.13 -5.14 -30.42
C TRP A 72 19.86 -4.52 -31.02
N ARG A 73 18.96 -5.36 -31.54
CA ARG A 73 17.66 -4.94 -32.10
C ARG A 73 16.57 -5.97 -31.74
N SER A 74 15.34 -5.50 -31.48
CA SER A 74 14.23 -6.39 -31.09
C SER A 74 13.68 -7.22 -32.27
N ARG A 75 14.06 -6.89 -33.53
CA ARG A 75 13.71 -7.57 -34.79
C ARG A 75 12.22 -7.40 -35.18
N ALA A 76 11.29 -7.40 -34.22
CA ALA A 76 9.86 -7.21 -34.48
C ALA A 76 9.60 -5.78 -34.97
N LYS A 77 8.92 -5.67 -36.12
CA LYS A 77 8.62 -4.40 -36.78
C LYS A 77 7.20 -4.37 -37.31
N SER A 78 6.64 -3.18 -37.45
CA SER A 78 5.32 -3.00 -38.04
C SER A 78 5.36 -1.79 -39.00
N VAL A 79 4.22 -1.15 -39.27
CA VAL A 79 4.14 0.00 -40.22
C VAL A 79 4.80 1.26 -39.65
N LYS A 80 5.16 2.20 -40.53
CA LYS A 80 5.74 3.47 -40.08
C LYS A 80 4.69 4.26 -39.31
N GLY A 81 5.07 4.72 -38.13
CA GLY A 81 4.17 5.47 -37.28
C GLY A 81 4.80 5.76 -35.93
N ASN A 82 3.94 6.02 -34.94
CA ASN A 82 4.33 6.36 -33.56
C ASN A 82 4.14 5.15 -32.66
N TYR A 83 5.21 4.77 -31.95
CA TYR A 83 5.20 3.59 -31.08
C TYR A 83 5.54 3.98 -29.65
N ALA A 84 5.24 3.08 -28.72
CA ALA A 84 5.56 3.29 -27.31
C ALA A 84 6.05 1.99 -26.67
N ALA A 85 7.22 2.03 -26.04
CA ALA A 85 7.77 0.90 -25.28
C ALA A 85 7.43 1.20 -23.83
N VAL A 86 6.56 0.37 -23.22
CA VAL A 86 6.00 0.62 -21.89
C VAL A 86 6.41 -0.44 -20.90
N LEU A 87 6.80 -0.02 -19.70
CA LEU A 87 7.14 -0.98 -18.65
C LEU A 87 5.83 -1.28 -17.90
N HIS A 88 5.25 -2.45 -18.21
CA HIS A 88 4.01 -2.95 -17.61
C HIS A 88 4.22 -3.23 -16.12
N PRO A 89 3.21 -2.95 -15.23
CA PRO A 89 3.40 -3.19 -13.79
C PRO A 89 3.59 -4.67 -13.41
N ASP A 90 3.23 -5.61 -14.30
CA ASP A 90 3.40 -7.05 -14.01
C ASP A 90 4.83 -7.54 -14.40
N GLY A 91 5.71 -6.61 -14.74
CA GLY A 91 7.12 -6.89 -14.98
C GLY A 91 7.59 -7.31 -16.35
N ARG A 92 7.07 -6.67 -17.38
CA ARG A 92 7.50 -6.92 -18.76
C ARG A 92 7.57 -5.61 -19.53
N LEU A 93 8.55 -5.50 -20.44
CA LEU A 93 8.68 -4.33 -21.31
C LEU A 93 7.96 -4.71 -22.59
N VAL A 94 7.00 -3.89 -23.00
CA VAL A 94 6.16 -4.19 -24.15
C VAL A 94 6.18 -3.03 -25.15
N VAL A 95 6.33 -3.35 -26.44
CA VAL A 95 6.26 -2.33 -27.49
C VAL A 95 4.85 -2.37 -28.05
N PHE A 96 4.14 -1.22 -28.00
CA PHE A 96 2.80 -1.07 -28.54
C PHE A 96 2.79 -0.13 -29.70
N GLY A 97 2.10 -0.50 -30.78
CA GLY A 97 1.97 0.43 -31.86
C GLY A 97 1.47 -0.12 -33.17
N PRO A 98 1.20 0.77 -34.14
CA PRO A 98 1.29 2.24 -34.08
C PRO A 98 0.14 2.87 -33.29
N SER A 99 0.18 4.19 -33.11
CA SER A 99 -0.90 4.87 -32.43
C SER A 99 -2.14 4.80 -33.31
N VAL A 100 -3.31 4.64 -32.68
CA VAL A 100 -4.58 4.51 -33.39
C VAL A 100 -5.53 5.67 -33.07
N PHE A 101 -5.22 6.45 -32.02
CA PHE A 101 -6.08 7.55 -31.58
C PHE A 101 -5.30 8.53 -30.73
N LYS A 102 -5.63 9.81 -30.87
CA LYS A 102 -4.96 10.85 -30.11
C LYS A 102 -5.96 11.92 -29.66
N ILE A 103 -5.89 12.31 -28.38
CA ILE A 103 -6.63 13.42 -27.79
C ILE A 103 -5.62 14.56 -27.74
N ASP A 104 -5.93 15.67 -28.42
CA ASP A 104 -5.04 16.81 -28.55
C ASP A 104 -5.56 18.05 -27.79
N PRO A 105 -5.02 18.34 -26.58
CA PRO A 105 -5.49 19.54 -25.85
C PRO A 105 -4.65 20.80 -26.16
N TRP A 106 -3.90 20.80 -27.28
CA TRP A 106 -3.02 21.92 -27.65
C TRP A 106 -3.54 22.76 -28.82
N VAL A 107 -4.20 22.13 -29.80
CA VAL A 107 -4.68 22.77 -31.03
C VAL A 107 -5.87 23.72 -30.70
N PRO A 108 -5.84 24.99 -31.17
CA PRO A 108 -6.97 25.90 -30.87
C PRO A 108 -8.21 25.68 -31.74
N GLY A 109 -8.05 24.99 -32.86
CA GLY A 109 -9.12 24.72 -33.82
C GLY A 109 -9.77 23.35 -33.66
N ASN B 1 -7.23 -8.53 -11.88
CA ASN B 1 -7.13 -7.15 -12.32
C ASN B 1 -5.67 -6.73 -12.45
N ILE B 2 -5.39 -5.84 -13.40
CA ILE B 2 -4.04 -5.32 -13.64
C ILE B 2 -3.76 -4.21 -12.62
N PRO B 3 -2.57 -4.18 -11.95
CA PRO B 3 -2.28 -3.07 -11.04
C PRO B 3 -2.32 -1.73 -11.76
N PHE B 4 -2.78 -0.70 -11.08
CA PHE B 4 -2.89 0.61 -11.69
C PHE B 4 -1.54 1.34 -11.74
N THR B 5 -1.30 2.06 -12.84
CA THR B 5 -0.15 2.96 -13.01
C THR B 5 -0.76 4.34 -13.33
N ASP B 6 -0.31 5.39 -12.67
CA ASP B 6 -0.92 6.71 -12.75
C ASP B 6 -1.11 7.29 -14.15
N ASN B 7 -0.19 7.08 -15.08
CA ASN B 7 -0.29 7.66 -16.43
C ASN B 7 -0.71 6.66 -17.52
N LEU B 8 -1.11 5.42 -17.15
CA LEU B 8 -1.47 4.39 -18.13
C LEU B 8 -2.84 3.78 -17.88
N LEU B 9 -3.47 3.32 -18.96
CA LEU B 9 -4.70 2.56 -18.92
C LEU B 9 -4.59 1.43 -19.94
N PHE B 10 -4.36 0.20 -19.48
CA PHE B 10 -4.24 -0.94 -20.37
C PHE B 10 -5.61 -1.48 -20.72
N SER B 11 -5.71 -2.20 -21.86
CA SER B 11 -6.95 -2.87 -22.27
C SER B 11 -7.53 -3.66 -21.09
N GLY B 12 -8.82 -3.46 -20.82
CA GLY B 12 -9.49 -4.17 -19.73
C GLY B 12 -9.59 -3.38 -18.45
N GLN B 13 -8.70 -2.39 -18.22
CA GLN B 13 -8.82 -1.59 -16.99
C GLN B 13 -10.03 -0.64 -17.11
N VAL B 14 -10.66 -0.31 -15.99
CA VAL B 14 -11.80 0.60 -16.03
C VAL B 14 -11.56 1.80 -15.10
N LEU B 15 -12.05 2.98 -15.53
CA LEU B 15 -12.06 4.21 -14.73
C LEU B 15 -13.51 4.68 -14.61
N TYR B 16 -13.90 5.16 -13.44
CA TYR B 16 -15.27 5.65 -13.19
C TYR B 16 -15.25 6.49 -11.94
N GLY B 17 -16.34 7.19 -11.68
CA GLY B 17 -16.52 7.95 -10.44
C GLY B 17 -15.37 8.86 -10.06
N ASP B 18 -14.89 9.63 -11.03
CA ASP B 18 -13.82 10.62 -10.93
C ASP B 18 -12.42 9.97 -10.82
N GLY B 19 -12.32 8.69 -11.20
CA GLY B 19 -11.06 7.97 -11.34
C GLY B 19 -10.29 8.61 -12.48
N ARG B 20 -8.95 8.65 -12.39
CA ARG B 20 -8.19 9.38 -13.40
C ARG B 20 -6.78 8.90 -13.67
N LEU B 21 -6.25 9.35 -14.81
CA LEU B 21 -4.84 9.25 -15.14
C LEU B 21 -4.21 10.60 -14.81
N THR B 22 -2.96 10.58 -14.34
CA THR B 22 -2.24 11.81 -14.00
C THR B 22 -0.82 11.71 -14.55
N ALA B 23 -0.30 12.84 -15.05
CA ALA B 23 1.08 12.96 -15.54
C ALA B 23 1.48 14.40 -15.43
N LYS B 24 2.50 14.71 -14.61
CA LYS B 24 2.94 16.09 -14.38
C LYS B 24 1.71 16.87 -13.88
N ASN B 25 1.34 17.98 -14.55
CA ASN B 25 0.16 18.79 -14.22
C ASN B 25 -1.09 18.36 -15.04
N HIS B 26 -0.97 17.34 -15.91
CA HIS B 26 -2.09 16.86 -16.74
C HIS B 26 -2.92 15.80 -16.02
N GLN B 27 -4.24 15.77 -16.28
CA GLN B 27 -5.15 14.75 -15.75
C GLN B 27 -6.15 14.34 -16.83
N LEU B 28 -6.55 13.07 -16.84
CA LEU B 28 -7.61 12.56 -17.72
C LEU B 28 -8.61 11.93 -16.78
N VAL B 29 -9.76 12.58 -16.57
CA VAL B 29 -10.73 12.15 -15.55
C VAL B 29 -12.02 11.59 -16.16
N MET B 30 -12.44 10.38 -15.73
CA MET B 30 -13.75 9.84 -16.07
C MET B 30 -14.68 10.31 -14.96
N GLN B 31 -15.29 11.49 -15.15
CA GLN B 31 -16.07 12.09 -14.08
C GLN B 31 -17.40 11.41 -13.80
N GLY B 32 -17.92 11.66 -12.60
CA GLY B 32 -19.20 11.16 -12.12
C GLY B 32 -20.40 11.72 -12.87
N ASP B 33 -20.20 12.77 -13.71
CA ASP B 33 -21.28 13.36 -14.51
C ASP B 33 -21.30 12.80 -15.95
N CYS B 34 -20.58 11.68 -16.19
CA CYS B 34 -20.49 10.95 -17.45
CA CYS B 34 -20.50 10.99 -17.48
C CYS B 34 -19.63 11.70 -18.50
N ASN B 35 -18.84 12.69 -18.06
CA ASN B 35 -17.96 13.43 -18.94
C ASN B 35 -16.52 13.02 -18.75
N LEU B 36 -15.83 12.68 -19.85
CA LEU B 36 -14.40 12.36 -19.84
C LEU B 36 -13.67 13.65 -20.13
N VAL B 37 -12.82 14.11 -19.19
CA VAL B 37 -12.18 15.41 -19.35
C VAL B 37 -10.67 15.33 -19.22
N LEU B 38 -9.99 15.98 -20.18
CA LEU B 38 -8.55 16.11 -20.11
C LEU B 38 -8.27 17.50 -19.56
N TYR B 39 -7.75 17.57 -18.32
CA TYR B 39 -7.32 18.82 -17.70
C TYR B 39 -5.84 18.93 -17.95
N GLY B 40 -5.47 19.68 -18.97
CA GLY B 40 -4.05 19.81 -19.33
C GLY B 40 -3.86 20.39 -20.71
N GLY B 41 -2.61 20.41 -21.15
CA GLY B 41 -2.24 21.00 -22.42
C GLY B 41 -2.45 22.50 -22.32
N LYS B 42 -2.93 23.12 -23.40
CA LYS B 42 -3.19 24.55 -23.37
C LYS B 42 -4.70 24.82 -23.16
N TYR B 43 -5.57 24.01 -23.79
CA TYR B 43 -7.01 24.25 -23.77
C TYR B 43 -7.86 23.15 -23.17
N GLY B 44 -7.25 21.99 -22.92
CA GLY B 44 -7.96 20.84 -22.40
C GLY B 44 -8.80 20.21 -23.50
N TRP B 45 -9.60 19.22 -23.12
CA TRP B 45 -10.49 18.50 -24.02
C TRP B 45 -11.58 17.83 -23.22
N GLN B 46 -12.75 17.59 -23.84
CA GLN B 46 -13.81 16.84 -23.17
C GLN B 46 -14.62 16.02 -24.18
N SER B 47 -15.22 14.92 -23.72
CA SER B 47 -16.06 14.09 -24.57
C SER B 47 -17.40 14.80 -24.85
N ASN B 48 -17.75 15.82 -24.01
CA ASN B 48 -19.00 16.62 -24.11
C ASN B 48 -20.22 15.72 -23.88
N THR B 49 -20.16 14.91 -22.81
CA THR B 49 -21.24 13.96 -22.53
C THR B 49 -21.78 14.14 -21.09
N HIS B 50 -21.66 15.36 -20.54
CA HIS B 50 -22.22 15.70 -19.23
C HIS B 50 -23.72 15.34 -19.19
N GLY B 51 -24.11 14.56 -18.18
CA GLY B 51 -25.49 14.15 -17.93
C GLY B 51 -26.12 13.18 -18.92
N ASN B 52 -25.31 12.61 -19.85
CA ASN B 52 -25.80 11.73 -20.91
C ASN B 52 -26.16 10.33 -20.42
N GLY B 53 -25.72 9.99 -19.22
CA GLY B 53 -26.03 8.69 -18.63
C GLY B 53 -25.69 8.65 -17.16
N GLU B 54 -26.05 7.58 -16.46
CA GLU B 54 -25.74 7.47 -15.04
C GLU B 54 -24.69 6.42 -14.80
N HIS B 55 -23.83 6.64 -13.80
CA HIS B 55 -22.79 5.72 -13.32
C HIS B 55 -21.97 5.15 -14.49
N CYS B 56 -21.42 6.06 -15.30
CA CYS B 56 -20.65 5.73 -16.50
CA CYS B 56 -20.68 5.60 -16.46
C CYS B 56 -19.25 5.27 -16.14
N PHE B 57 -18.65 4.50 -17.04
CA PHE B 57 -17.27 4.06 -16.87
C PHE B 57 -16.58 4.10 -18.20
N LEU B 58 -15.26 4.18 -18.17
CA LEU B 58 -14.38 4.21 -19.33
C LEU B 58 -13.63 2.89 -19.42
N ARG B 59 -13.55 2.30 -20.61
CA ARG B 59 -12.79 1.06 -20.76
C ARG B 59 -12.18 0.98 -22.15
N LEU B 60 -10.89 0.66 -22.22
CA LEU B 60 -10.19 0.44 -23.47
C LEU B 60 -10.30 -1.06 -23.78
N ASN B 61 -10.75 -1.41 -25.01
CA ASN B 61 -10.89 -2.84 -25.31
C ASN B 61 -9.61 -3.42 -25.96
N HIS B 62 -9.70 -4.67 -26.43
CA HIS B 62 -8.56 -5.38 -27.02
C HIS B 62 -8.53 -5.24 -28.54
N LYS B 63 -9.09 -4.13 -29.05
CA LYS B 63 -9.08 -3.77 -30.47
C LYS B 63 -8.74 -2.28 -30.60
N GLY B 64 -8.34 -1.65 -29.49
CA GLY B 64 -7.96 -0.24 -29.52
C GLY B 64 -9.07 0.78 -29.48
N GLU B 65 -10.31 0.34 -29.16
CA GLU B 65 -11.45 1.25 -29.03
C GLU B 65 -11.65 1.62 -27.58
N LEU B 66 -11.69 2.93 -27.32
CA LEU B 66 -11.89 3.50 -25.98
C LEU B 66 -13.34 3.93 -25.89
N ILE B 67 -14.09 3.37 -24.94
CA ILE B 67 -15.54 3.62 -24.87
C ILE B 67 -15.96 4.08 -23.48
N ILE B 68 -16.96 4.99 -23.45
CA ILE B 68 -17.68 5.37 -22.24
C ILE B 68 -19.01 4.65 -22.33
N LYS B 69 -19.33 3.83 -21.32
CA LYS B 69 -20.60 3.12 -21.24
C LYS B 69 -21.36 3.60 -20.04
N ASP B 70 -22.71 3.62 -20.08
CA ASP B 70 -23.45 3.99 -18.88
C ASP B 70 -23.69 2.71 -18.06
N ASP B 71 -24.43 2.81 -16.94
CA ASP B 71 -24.66 1.68 -16.03
C ASP B 71 -25.32 0.48 -16.71
N ASP B 72 -26.07 0.74 -17.80
CA ASP B 72 -26.80 -0.28 -18.57
C ASP B 72 -26.05 -0.71 -19.84
N PHE B 73 -24.75 -0.36 -19.93
CA PHE B 73 -23.86 -0.67 -21.06
C PHE B 73 -24.33 -0.01 -22.38
N LYS B 74 -24.98 1.16 -22.29
CA LYS B 74 -25.33 1.93 -23.47
C LYS B 74 -24.12 2.78 -23.82
N THR B 75 -23.69 2.78 -25.09
CA THR B 75 -22.53 3.59 -25.49
C THR B 75 -22.87 5.09 -25.40
N ILE B 76 -22.04 5.82 -24.64
CA ILE B 76 -22.16 7.26 -24.46
C ILE B 76 -21.17 7.99 -25.40
N TRP B 77 -19.98 7.41 -25.58
CA TRP B 77 -18.92 7.98 -26.39
C TRP B 77 -17.96 6.88 -26.81
N SER B 78 -17.36 7.03 -27.98
CA SER B 78 -16.32 6.12 -28.45
C SER B 78 -15.25 6.90 -29.18
N SER B 79 -14.00 6.42 -29.08
CA SER B 79 -12.87 6.98 -29.84
C SER B 79 -13.02 6.66 -31.32
N ASN B 80 -13.84 5.63 -31.63
CA ASN B 80 -14.09 5.12 -32.98
C ASN B 80 -12.79 4.62 -33.64
N SER B 81 -11.79 4.24 -32.83
CA SER B 81 -10.54 3.63 -33.29
C SER B 81 -10.74 2.13 -33.18
N SER B 82 -10.24 1.39 -34.15
CA SER B 82 -10.43 -0.05 -34.20
C SER B 82 -9.28 -0.66 -34.98
N SER B 83 -8.61 -1.66 -34.40
CA SER B 83 -7.48 -2.28 -35.08
C SER B 83 -7.37 -3.76 -34.69
N LYS B 84 -6.18 -4.35 -34.92
CA LYS B 84 -5.87 -5.77 -34.68
CA LYS B 84 -5.89 -5.77 -34.69
C LYS B 84 -6.27 -6.23 -33.29
N GLN B 85 -6.72 -7.48 -33.18
CA GLN B 85 -7.02 -8.05 -31.87
C GLN B 85 -5.68 -8.17 -31.12
N GLY B 86 -5.63 -7.65 -29.90
CA GLY B 86 -4.40 -7.68 -29.12
C GLY B 86 -4.46 -6.79 -27.90
N ASP B 87 -3.30 -6.53 -27.30
CA ASP B 87 -3.21 -5.66 -26.11
C ASP B 87 -2.90 -4.22 -26.50
N TYR B 88 -3.65 -3.27 -25.91
CA TYR B 88 -3.52 -1.83 -26.16
C TYR B 88 -3.22 -1.07 -24.88
N VAL B 89 -2.71 0.16 -25.01
CA VAL B 89 -2.45 1.00 -23.86
C VAL B 89 -2.82 2.45 -24.21
N LEU B 90 -3.49 3.12 -23.29
CA LEU B 90 -3.78 4.55 -23.38
C LEU B 90 -2.78 5.22 -22.48
N ILE B 91 -1.96 6.15 -23.03
CA ILE B 91 -0.96 6.85 -22.25
C ILE B 91 -1.33 8.32 -22.15
N LEU B 92 -1.39 8.84 -20.92
CA LEU B 92 -1.49 10.28 -20.71
C LEU B 92 -0.05 10.71 -20.68
N ARG B 93 0.45 11.18 -21.81
CA ARG B 93 1.86 11.51 -21.99
C ARG B 93 2.31 12.72 -21.18
N GLN B 93 0.45 11.18 -21.81
CA GLN B 93 1.86 11.51 -21.99
C GLN B 93 2.31 12.72 -21.18
N ASP B 94 3.62 12.82 -20.96
CA ASP B 94 4.20 13.96 -20.26
C ASP B 94 3.92 15.27 -21.01
N ASP B 95 3.74 15.20 -22.34
CA ASP B 95 3.48 16.40 -23.16
C ASP B 95 1.98 16.76 -23.24
N GLY B 96 1.11 16.08 -22.48
CA GLY B 96 -0.31 16.42 -22.42
C GLY B 96 -1.24 15.67 -23.35
N PHE B 97 -0.70 15.10 -24.43
CA PHE B 97 -1.50 14.30 -25.35
C PHE B 97 -1.92 12.99 -24.68
N ALA B 98 -3.13 12.49 -24.98
CA ALA B 98 -3.55 11.17 -24.50
C ALA B 98 -3.63 10.31 -25.75
N VAL B 99 -2.81 9.27 -25.83
CA VAL B 99 -2.70 8.50 -27.08
C VAL B 99 -2.91 7.01 -26.84
N ILE B 100 -3.67 6.36 -27.74
CA ILE B 100 -3.87 4.90 -27.68
C ILE B 100 -2.85 4.26 -28.59
N TYR B 101 -2.04 3.37 -28.03
CA TYR B 101 -1.05 2.61 -28.79
C TYR B 101 -1.38 1.15 -28.79
N GLY B 102 -1.25 0.53 -29.96
CA GLY B 102 -1.40 -0.92 -30.07
C GLY B 102 -1.57 -1.44 -31.48
N PRO B 103 -1.59 -2.77 -31.64
CA PRO B 103 -1.44 -3.79 -30.59
C PRO B 103 0.00 -3.96 -30.11
N ALA B 104 0.20 -4.79 -29.09
CA ALA B 104 1.54 -5.15 -28.62
C ALA B 104 2.23 -5.97 -29.73
N ILE B 105 3.45 -5.60 -30.15
CA ILE B 105 4.17 -6.30 -31.22
C ILE B 105 5.41 -7.04 -30.71
N TRP B 106 5.88 -6.69 -29.51
CA TRP B 106 7.08 -7.27 -28.90
C TRP B 106 6.97 -7.18 -27.40
N GLU B 107 7.45 -8.22 -26.69
CA GLU B 107 7.44 -8.25 -25.23
C GLU B 107 8.67 -9.00 -24.70
N THR B 108 9.10 -8.66 -23.47
CA THR B 108 10.24 -9.34 -22.83
C THR B 108 9.83 -10.73 -22.35
N SER B 109 8.57 -10.90 -21.91
CA SER B 109 8.06 -12.16 -21.37
C SER B 109 6.63 -12.46 -21.81
N ALA B 110 6.34 -13.75 -22.05
CA ALA B 110 5.04 -14.29 -22.47
C ALA B 110 4.30 -14.88 -21.27
N LEU C 1 22.58 7.39 -13.82
CA LEU C 1 21.66 8.24 -13.10
C LEU C 1 20.76 7.35 -12.22
N GLY C 2 20.48 7.77 -11.00
CA GLY C 2 19.61 7.01 -10.13
C GLY C 2 18.15 7.28 -10.48
N THR C 3 17.23 6.42 -10.03
CA THR C 3 15.81 6.69 -10.26
C THR C 3 15.37 7.91 -9.45
N ASN C 4 16.06 8.16 -8.32
CA ASN C 4 15.70 9.23 -7.39
C ASN C 4 16.93 10.03 -6.91
N TYR C 5 18.03 9.94 -7.66
CA TYR C 5 19.23 10.71 -7.29
C TYR C 5 20.07 11.06 -8.50
N LEU C 6 20.84 12.14 -8.35
CA LEU C 6 21.78 12.64 -9.34
C LEU C 6 23.09 12.84 -8.61
N LEU C 7 24.15 12.16 -9.05
CA LEU C 7 25.46 12.29 -8.43
C LEU C 7 26.30 13.32 -9.17
N SER C 8 27.30 13.92 -8.48
CA SER C 8 28.19 14.86 -9.15
C SER C 8 28.87 14.11 -10.31
N GLY C 9 28.80 14.70 -11.50
CA GLY C 9 29.35 14.08 -12.71
C GLY C 9 28.30 13.47 -13.62
N GLN C 10 27.08 13.25 -13.07
CA GLN C 10 25.97 12.70 -13.85
C GLN C 10 25.12 13.83 -14.42
N THR C 11 24.27 13.51 -15.41
CA THR C 11 23.41 14.51 -16.02
C THR C 11 21.95 14.07 -16.05
N LEU C 12 21.04 14.99 -15.68
CA LEU C 12 19.61 14.78 -15.86
C LEU C 12 19.31 15.46 -17.18
N ASN C 13 19.22 14.67 -18.26
CA ASN C 13 19.03 15.16 -19.61
C ASN C 13 17.62 15.73 -19.86
N THR C 14 17.44 16.35 -21.05
CA THR C 14 16.18 16.98 -21.46
C THR C 14 15.02 15.97 -21.43
N ASP C 15 13.93 16.37 -20.77
CA ASP C 15 12.68 15.65 -20.53
C ASP C 15 12.87 14.40 -19.66
N GLY C 16 14.00 14.33 -18.96
CA GLY C 16 14.31 13.25 -18.03
C GLY C 16 13.68 13.48 -16.67
N HIS C 17 13.54 12.40 -15.88
CA HIS C 17 12.91 12.44 -14.56
C HIS C 17 13.76 11.88 -13.45
N LEU C 18 13.50 12.40 -12.23
CA LEU C 18 13.84 11.85 -10.93
C LEU C 18 12.49 11.65 -10.26
N LYS C 19 12.21 10.47 -9.67
CA LYS C 19 10.89 10.26 -9.10
C LYS C 19 10.95 9.50 -7.77
N ASN C 20 10.11 9.94 -6.81
CA ASN C 20 9.94 9.24 -5.53
C ASN C 20 8.48 9.39 -5.14
N GLY C 21 7.72 8.31 -5.34
CA GLY C 21 6.29 8.30 -5.08
C GLY C 21 5.59 9.24 -6.04
N ASP C 22 4.76 10.15 -5.51
CA ASP C 22 4.02 11.12 -6.31
C ASP C 22 4.86 12.31 -6.77
N PHE C 23 6.07 12.46 -6.21
CA PHE C 23 6.94 13.60 -6.51
C PHE C 23 7.80 13.28 -7.73
N ASP C 24 7.67 14.13 -8.76
CA ASP C 24 8.32 13.92 -10.05
C ASP C 24 9.06 15.19 -10.49
N LEU C 25 10.40 15.12 -10.48
CA LEU C 25 11.30 16.20 -10.88
C LEU C 25 11.59 16.04 -12.36
N VAL C 26 11.20 17.04 -13.19
CA VAL C 26 11.37 16.95 -14.63
C VAL C 26 12.23 18.11 -15.15
N MET C 27 13.30 17.79 -15.89
CA MET C 27 14.15 18.78 -16.57
C MET C 27 13.48 18.99 -17.93
N GLN C 28 12.53 19.92 -18.00
CA GLN C 28 11.68 20.07 -19.18
C GLN C 28 12.37 20.64 -20.41
N ASN C 29 11.79 20.36 -21.61
CA ASN C 29 12.28 20.83 -22.91
C ASN C 29 12.16 22.37 -23.03
N ASP C 30 11.37 23.01 -22.14
CA ASP C 30 11.22 24.46 -22.10
C ASP C 30 12.24 25.08 -21.13
N CYS C 31 13.20 24.29 -20.62
CA CYS C 31 14.31 24.68 -19.72
C CYS C 31 13.88 24.94 -18.26
N ASN C 32 12.60 24.67 -17.93
CA ASN C 32 12.16 24.82 -16.54
C ASN C 32 12.30 23.48 -15.82
N LEU C 33 12.97 23.48 -14.66
CA LEU C 33 13.12 22.31 -13.82
C LEU C 33 11.97 22.36 -12.83
N VAL C 34 11.04 21.39 -12.90
CA VAL C 34 9.83 21.44 -12.07
C VAL C 34 9.72 20.21 -11.21
N LEU C 35 9.40 20.41 -9.92
CA LEU C 35 9.15 19.32 -9.01
C LEU C 35 7.64 19.18 -8.83
N TYR C 36 7.01 18.33 -9.65
CA TYR C 36 5.58 18.12 -9.63
C TYR C 36 5.17 17.51 -8.29
N ASN C 37 4.16 18.15 -7.66
CA ASN C 37 3.59 17.88 -6.34
C ASN C 37 4.50 18.39 -5.19
N GLY C 38 5.67 18.94 -5.54
CA GLY C 38 6.65 19.46 -4.58
C GLY C 38 6.66 20.97 -4.39
N ASN C 39 5.73 21.69 -5.07
CA ASN C 39 5.56 23.15 -5.00
C ASN C 39 6.91 23.88 -5.19
N TRP C 40 7.63 23.51 -6.26
CA TRP C 40 8.93 24.12 -6.57
C TRP C 40 9.24 24.03 -8.05
N GLN C 41 9.87 25.09 -8.57
CA GLN C 41 10.38 25.16 -9.94
C GLN C 41 11.55 26.12 -9.99
N SER C 42 12.47 25.91 -10.94
CA SER C 42 13.62 26.80 -11.15
C SER C 42 13.16 28.16 -11.70
N ASN C 43 11.91 28.22 -12.27
CA ASN C 43 11.29 29.40 -12.87
C ASN C 43 12.15 29.93 -14.05
N THR C 44 12.60 28.99 -14.90
CA THR C 44 13.45 29.28 -16.05
C THR C 44 12.79 28.84 -17.38
N ALA C 45 11.44 28.86 -17.44
CA ALA C 45 10.72 28.49 -18.66
C ALA C 45 11.07 29.44 -19.81
N ASN C 46 11.35 28.87 -20.99
CA ASN C 46 11.74 29.54 -22.25
C ASN C 46 13.06 30.33 -22.12
N ASN C 47 14.00 29.83 -21.28
CA ASN C 47 15.31 30.46 -21.10
C ASN C 47 16.43 29.66 -21.82
N GLY C 48 16.02 28.68 -22.63
CA GLY C 48 16.95 27.86 -23.39
C GLY C 48 16.32 26.66 -24.08
N ARG C 49 17.14 25.93 -24.83
CA ARG C 49 16.75 24.73 -25.57
C ARG C 49 17.71 23.60 -25.23
N ASP C 50 17.19 22.35 -25.21
CA ASP C 50 17.95 21.12 -24.90
C ASP C 50 18.71 21.27 -23.57
N CYS C 51 18.01 21.78 -22.54
CA CYS C 51 18.60 22.04 -21.23
C CYS C 51 18.82 20.76 -20.44
N LYS C 52 19.88 20.76 -19.64
CA LYS C 52 20.34 19.63 -18.83
C LYS C 52 20.68 20.08 -17.41
N LEU C 53 20.47 19.19 -16.43
CA LEU C 53 20.79 19.46 -15.04
C LEU C 53 22.03 18.68 -14.63
N THR C 54 23.00 19.38 -14.03
CA THR C 54 24.24 18.77 -13.55
C THR C 54 24.46 19.17 -12.09
N LEU C 55 25.44 18.53 -11.43
CA LEU C 55 25.80 18.79 -10.05
C LEU C 55 27.33 18.88 -9.99
N THR C 56 27.85 20.05 -9.56
CA THR C 56 29.30 20.28 -9.51
C THR C 56 29.99 19.49 -8.37
N ASP C 57 31.32 19.47 -8.39
CA ASP C 57 32.15 18.82 -7.38
C ASP C 57 32.16 19.62 -6.05
N TYR C 58 31.40 20.73 -6.01
CA TYR C 58 31.24 21.59 -4.84
C TYR C 58 29.78 21.53 -4.34
N GLY C 59 28.96 20.71 -5.00
CA GLY C 59 27.57 20.49 -4.62
C GLY C 59 26.53 21.47 -5.11
N GLU C 60 26.86 22.21 -6.17
CA GLU C 60 25.94 23.19 -6.72
C GLU C 60 25.16 22.59 -7.88
N LEU C 61 23.82 22.76 -7.88
CA LEU C 61 22.98 22.31 -8.99
C LEU C 61 23.04 23.36 -10.08
N VAL C 62 23.24 22.94 -11.33
CA VAL C 62 23.38 23.84 -12.47
C VAL C 62 22.51 23.38 -13.64
N ILE C 63 21.77 24.31 -14.24
CA ILE C 63 20.96 24.07 -15.44
C ILE C 63 21.68 24.78 -16.60
N LYS C 64 22.03 24.04 -17.67
CA LYS C 64 22.70 24.58 -18.85
C LYS C 64 21.89 24.28 -20.12
N ASN C 65 21.90 25.20 -21.11
CA ASN C 65 21.16 25.00 -22.36
C ASN C 65 21.88 24.04 -23.31
N SER C 69 25.86 27.04 -21.88
CA SER C 69 25.64 28.30 -21.17
C SER C 69 24.73 28.08 -19.96
N THR C 70 25.15 28.61 -18.79
CA THR C 70 24.44 28.49 -17.51
C THR C 70 23.16 29.34 -17.53
N VAL C 71 22.04 28.71 -17.16
CA VAL C 71 20.69 29.29 -17.12
C VAL C 71 20.28 29.53 -15.64
N TRP C 72 20.64 28.59 -14.74
CA TRP C 72 20.29 28.65 -13.32
C TRP C 72 21.33 27.92 -12.47
N ARG C 73 21.52 28.39 -11.22
CA ARG C 73 22.45 27.82 -10.23
C ARG C 73 21.83 27.84 -8.83
N SER C 74 22.08 26.80 -8.01
CA SER C 74 21.53 26.74 -6.65
C SER C 74 22.29 27.66 -5.67
N ARG C 75 23.50 28.16 -6.04
CA ARG C 75 24.39 29.07 -5.30
C ARG C 75 25.08 28.42 -4.08
N ALA C 76 24.39 27.54 -3.35
CA ALA C 76 24.97 26.87 -2.18
C ALA C 76 26.10 25.92 -2.60
N LYS C 77 27.24 26.03 -1.92
CA LYS C 77 28.40 25.19 -2.22
C LYS C 77 29.14 24.84 -0.95
N SER C 78 29.88 23.73 -0.99
CA SER C 78 30.71 23.29 0.12
C SER C 78 32.09 22.87 -0.42
N VAL C 79 32.83 22.03 0.31
CA VAL C 79 34.19 21.59 -0.03
C VAL C 79 34.20 20.68 -1.27
N LYS C 80 35.33 20.61 -1.99
CA LYS C 80 35.48 19.76 -3.17
C LYS C 80 35.30 18.28 -2.78
N GLY C 81 34.46 17.58 -3.54
CA GLY C 81 34.18 16.17 -3.29
C GLY C 81 33.07 15.61 -4.14
N ASN C 82 32.47 14.50 -3.68
CA ASN C 82 31.39 13.78 -4.34
C ASN C 82 30.08 14.08 -3.64
N TYR C 83 29.09 14.56 -4.42
CA TYR C 83 27.80 14.98 -3.91
C TYR C 83 26.66 14.16 -4.50
N ALA C 84 25.48 14.24 -3.87
CA ALA C 84 24.28 13.55 -4.34
C ALA C 84 23.04 14.41 -4.13
N ALA C 85 22.29 14.66 -5.21
CA ALA C 85 21.02 15.38 -5.17
C ALA C 85 19.95 14.29 -5.13
N VAL C 86 19.25 14.16 -3.98
CA VAL C 86 18.31 13.09 -3.72
C VAL C 86 16.88 13.59 -3.63
N LEU C 87 15.96 12.86 -4.26
CA LEU C 87 14.56 13.20 -4.18
C LEU C 87 13.98 12.45 -2.99
N HIS C 88 13.83 13.17 -1.88
CA HIS C 88 13.32 12.70 -0.59
C HIS C 88 11.84 12.33 -0.71
N PRO C 89 11.37 11.26 -0.03
CA PRO C 89 9.95 10.86 -0.15
C PRO C 89 8.94 11.91 0.36
N ASP C 90 9.40 12.91 1.15
CA ASP C 90 8.52 13.99 1.65
C ASP C 90 8.28 15.07 0.57
N GLY C 91 8.96 14.96 -0.57
CA GLY C 91 8.76 15.84 -1.70
C GLY C 91 9.69 17.03 -1.82
N ARG C 92 10.96 16.82 -1.47
CA ARG C 92 12.01 17.82 -1.54
CA ARG C 92 12.00 17.83 -1.55
C ARG C 92 13.20 17.26 -2.28
N LEU C 93 13.89 18.11 -3.07
CA LEU C 93 15.12 17.71 -3.73
C LEU C 93 16.20 18.25 -2.80
N VAL C 94 17.07 17.37 -2.28
CA VAL C 94 18.08 17.77 -1.30
C VAL C 94 19.46 17.42 -1.80
N VAL C 95 20.42 18.36 -1.67
CA VAL C 95 21.81 18.11 -2.04
C VAL C 95 22.57 17.75 -0.77
N PHE C 96 23.14 16.54 -0.75
CA PHE C 96 23.96 16.02 0.35
C PHE C 96 25.40 15.88 -0.05
N GLY C 97 26.29 16.25 0.85
CA GLY C 97 27.70 16.04 0.57
C GLY C 97 28.66 16.82 1.44
N PRO C 98 29.97 16.49 1.34
CA PRO C 98 30.56 15.46 0.47
C PRO C 98 30.36 14.04 1.00
N SER C 99 30.82 13.02 0.25
CA SER C 99 30.75 11.63 0.69
C SER C 99 31.69 11.46 1.90
N VAL C 100 31.26 10.71 2.94
CA VAL C 100 32.08 10.55 4.15
C VAL C 100 32.49 9.08 4.38
N PHE C 101 31.86 8.14 3.66
CA PHE C 101 32.10 6.71 3.83
C PHE C 101 31.63 5.94 2.61
N LYS C 102 32.32 4.84 2.29
CA LYS C 102 31.98 4.02 1.14
C LYS C 102 32.24 2.54 1.44
N ILE C 103 31.30 1.69 1.01
CA ILE C 103 31.40 0.23 1.07
C ILE C 103 31.58 -0.22 -0.37
N ASP C 104 32.70 -0.93 -0.64
CA ASP C 104 33.06 -1.38 -1.98
C ASP C 104 32.95 -2.90 -2.15
N PRO C 105 31.88 -3.40 -2.81
CA PRO C 105 31.76 -4.86 -3.01
C PRO C 105 32.51 -5.38 -4.24
N TRP C 106 33.29 -4.51 -4.92
CA TRP C 106 34.04 -4.88 -6.13
C TRP C 106 35.48 -5.25 -5.83
N VAL C 107 35.96 -4.88 -4.63
CA VAL C 107 37.32 -5.16 -4.13
C VAL C 107 37.12 -5.88 -2.77
N PRO C 108 37.87 -6.98 -2.48
CA PRO C 108 37.70 -7.62 -1.16
C PRO C 108 38.10 -6.68 -0.03
N GLY C 109 37.37 -6.76 1.07
CA GLY C 109 37.57 -5.94 2.26
C GLY C 109 36.51 -6.19 3.29
N LEU C 110 35.51 -7.02 2.93
CA LEU C 110 34.40 -7.43 3.79
C LEU C 110 33.84 -8.77 3.34
N ASN D 1 7.95 8.97 11.49
CA ASN D 1 8.95 8.19 10.78
C ASN D 1 9.01 8.59 9.34
N ILE D 2 10.21 8.53 8.75
CA ILE D 2 10.43 8.86 7.34
C ILE D 2 9.97 7.67 6.49
N PRO D 3 9.14 7.90 5.43
CA PRO D 3 8.77 6.78 4.54
C PRO D 3 10.00 6.11 3.95
N PHE D 4 9.92 4.80 3.74
CA PHE D 4 11.03 4.04 3.22
C PHE D 4 11.10 4.12 1.69
N THR D 5 12.34 4.21 1.16
CA THR D 5 12.69 4.17 -0.26
C THR D 5 13.72 3.04 -0.35
N ASP D 6 13.52 2.11 -1.29
CA ASP D 6 14.32 0.89 -1.39
C ASP D 6 15.85 1.08 -1.44
N ASN D 7 16.38 2.12 -2.11
CA ASN D 7 17.83 2.30 -2.23
C ASN D 7 18.44 3.35 -1.28
N LEU D 8 17.64 3.92 -0.34
CA LEU D 8 18.08 5.00 0.55
C LEU D 8 17.89 4.71 2.02
N LEU D 9 18.75 5.28 2.88
CA LEU D 9 18.60 5.24 4.34
C LEU D 9 19.01 6.60 4.88
N PHE D 10 18.00 7.41 5.23
CA PHE D 10 18.23 8.75 5.76
C PHE D 10 18.55 8.69 7.23
N SER D 11 19.19 9.75 7.79
CA SER D 11 19.48 9.87 9.21
C SER D 11 18.20 9.62 10.01
N GLY D 12 18.28 8.73 10.98
CA GLY D 12 17.12 8.39 11.81
C GLY D 12 16.45 7.08 11.46
N GLN D 13 16.53 6.65 10.18
CA GLN D 13 15.88 5.38 9.80
C GLN D 13 16.62 4.18 10.38
N VAL D 14 15.91 3.07 10.61
CA VAL D 14 16.54 1.87 11.17
C VAL D 14 16.25 0.64 10.32
N LEU D 15 17.23 -0.26 10.26
CA LEU D 15 17.09 -1.56 9.59
C LEU D 15 17.48 -2.64 10.59
N TYR D 16 16.71 -3.73 10.61
CA TYR D 16 16.95 -4.85 11.51
C TYR D 16 16.20 -6.06 10.99
N GLY D 17 16.58 -7.24 11.47
CA GLY D 17 15.93 -8.52 11.17
C GLY D 17 15.66 -8.77 9.70
N ASP D 18 16.73 -8.68 8.89
CA ASP D 18 16.75 -8.88 7.44
C ASP D 18 16.16 -7.69 6.66
N GLY D 19 15.93 -6.56 7.36
CA GLY D 19 15.56 -5.28 6.76
C GLY D 19 16.68 -4.91 5.81
N ARG D 20 16.37 -4.38 4.61
CA ARG D 20 17.43 -4.16 3.63
C ARG D 20 17.23 -2.99 2.68
N LEU D 21 18.33 -2.61 2.03
CA LEU D 21 18.34 -1.69 0.89
C LEU D 21 18.52 -2.54 -0.36
N THR D 22 17.84 -2.18 -1.43
CA THR D 22 17.95 -2.89 -2.71
C THR D 22 18.11 -1.87 -3.83
N ALA D 23 18.91 -2.22 -4.83
CA ALA D 23 19.15 -1.42 -6.04
C ALA D 23 19.62 -2.38 -7.10
N LYS D 24 18.83 -2.54 -8.19
CA LYS D 24 19.11 -3.49 -9.27
C LYS D 24 19.21 -4.90 -8.62
N ASN D 25 20.36 -5.59 -8.78
CA ASN D 25 20.55 -6.92 -8.18
C ASN D 25 21.36 -6.84 -6.86
N HIS D 26 21.69 -5.62 -6.39
CA HIS D 26 22.44 -5.41 -5.15
C HIS D 26 21.51 -5.35 -3.94
N GLN D 27 22.01 -5.81 -2.78
CA GLN D 27 21.27 -5.83 -1.53
C GLN D 27 22.18 -5.49 -0.37
N LEU D 28 21.74 -4.64 0.57
CA LEU D 28 22.50 -4.34 1.80
C LEU D 28 21.56 -4.72 2.92
N VAL D 29 21.85 -5.87 3.58
CA VAL D 29 20.96 -6.50 4.56
C VAL D 29 21.50 -6.44 6.00
N MET D 30 20.67 -5.92 6.93
CA MET D 30 21.01 -5.97 8.35
C MET D 30 20.37 -7.27 8.84
N GLN D 31 21.14 -8.35 8.81
CA GLN D 31 20.63 -9.68 9.11
C GLN D 31 20.32 -9.90 10.59
N GLY D 32 19.45 -10.89 10.86
CA GLY D 32 19.08 -11.28 12.21
C GLY D 32 20.22 -11.88 13.02
N ASP D 33 21.33 -12.26 12.36
CA ASP D 33 22.50 -12.84 13.04
C ASP D 33 23.54 -11.76 13.41
N CYS D 34 23.15 -10.47 13.34
CA CYS D 34 23.95 -9.28 13.68
C CYS D 34 25.02 -8.96 12.62
N ASN D 35 24.98 -9.63 11.44
CA ASN D 35 25.92 -9.36 10.35
C ASN D 35 25.29 -8.42 9.33
N LEU D 36 26.04 -7.37 8.93
CA LEU D 36 25.59 -6.44 7.89
C LEU D 36 26.24 -6.92 6.61
N VAL D 37 25.43 -7.35 5.63
CA VAL D 37 26.00 -7.94 4.43
C VAL D 37 25.52 -7.25 3.16
N LEU D 38 26.46 -6.96 2.26
CA LEU D 38 26.17 -6.44 0.93
C LEU D 38 26.29 -7.61 -0.02
N TYR D 39 25.15 -8.08 -0.54
CA TYR D 39 25.08 -9.12 -1.55
C TYR D 39 25.03 -8.41 -2.88
N GLY D 40 26.17 -8.37 -3.56
CA GLY D 40 26.32 -7.69 -4.84
C GLY D 40 27.77 -7.49 -5.20
N GLY D 41 28.00 -6.86 -6.34
CA GLY D 41 29.34 -6.66 -6.85
C GLY D 41 29.97 -7.98 -7.24
N LYS D 42 31.30 -8.06 -7.16
CA LYS D 42 32.03 -9.28 -7.51
C LYS D 42 32.30 -10.12 -6.26
N TYR D 43 32.59 -9.47 -5.11
CA TYR D 43 32.95 -10.15 -3.86
C TYR D 43 31.95 -9.93 -2.74
N GLY D 44 31.15 -8.86 -2.86
CA GLY D 44 30.22 -8.48 -1.80
C GLY D 44 31.00 -7.86 -0.65
N TRP D 45 30.35 -7.66 0.49
CA TRP D 45 30.97 -7.10 1.68
C TRP D 45 30.20 -7.54 2.91
N GLN D 46 30.89 -7.66 4.05
CA GLN D 46 30.23 -7.99 5.30
C GLN D 46 30.95 -7.30 6.44
N SER D 47 30.22 -6.97 7.51
CA SER D 47 30.80 -6.35 8.70
C SER D 47 31.57 -7.40 9.52
N ASN D 48 31.35 -8.72 9.25
CA ASN D 48 31.97 -9.88 9.93
C ASN D 48 31.59 -9.89 11.41
N THR D 49 30.30 -9.65 11.69
CA THR D 49 29.82 -9.57 13.06
C THR D 49 28.77 -10.63 13.38
N HIS D 50 28.78 -11.77 12.66
CA HIS D 50 27.86 -12.89 12.92
C HIS D 50 27.98 -13.31 14.39
N GLY D 51 26.82 -13.35 15.05
CA GLY D 51 26.65 -13.75 16.44
C GLY D 51 27.28 -12.86 17.49
N ASN D 52 27.67 -11.62 17.14
CA ASN D 52 28.33 -10.70 18.09
C ASN D 52 27.35 -9.95 18.98
N GLY D 53 26.07 -10.11 18.73
CA GLY D 53 25.02 -9.48 19.53
C GLY D 53 23.66 -10.03 19.15
N GLU D 54 22.67 -9.78 20.02
CA GLU D 54 21.30 -10.22 19.81
C GLU D 54 20.40 -9.05 19.44
N HIS D 55 19.48 -9.28 18.48
CA HIS D 55 18.49 -8.31 17.96
C HIS D 55 19.15 -6.98 17.55
N CYS D 56 20.21 -7.08 16.75
CA CYS D 56 20.98 -5.93 16.30
C CYS D 56 20.21 -5.08 15.30
N PHE D 57 20.50 -3.78 15.29
CA PHE D 57 19.87 -2.86 14.34
C PHE D 57 20.90 -1.87 13.81
N LEU D 58 20.63 -1.37 12.61
CA LEU D 58 21.48 -0.42 11.90
C LEU D 58 20.83 0.94 11.88
N ARG D 59 21.62 1.98 12.18
CA ARG D 59 21.09 3.35 12.18
C ARG D 59 22.15 4.35 11.76
N LEU D 60 21.77 5.28 10.87
CA LEU D 60 22.64 6.38 10.46
C LEU D 60 22.26 7.59 11.29
N ASN D 61 23.24 8.25 11.94
CA ASN D 61 22.92 9.40 12.80
C ASN D 61 23.02 10.71 12.01
N HIS D 62 22.84 11.84 12.71
CA HIS D 62 22.86 13.18 12.13
C HIS D 62 24.28 13.79 12.14
N LYS D 63 25.29 12.92 12.07
CA LYS D 63 26.69 13.27 11.97
C LYS D 63 27.37 12.40 10.89
N GLY D 64 26.58 11.55 10.23
CA GLY D 64 27.10 10.68 9.18
C GLY D 64 27.75 9.40 9.64
N GLU D 65 27.55 9.00 10.89
CA GLU D 65 28.09 7.75 11.43
C GLU D 65 27.02 6.68 11.36
N LEU D 66 27.35 5.57 10.67
CA LEU D 66 26.50 4.40 10.51
C LEU D 66 26.90 3.38 11.56
N ILE D 67 25.96 3.02 12.45
CA ILE D 67 26.28 2.15 13.57
C ILE D 67 25.37 0.93 13.64
N ILE D 68 25.94 -0.21 14.04
CA ILE D 68 25.23 -1.45 14.37
C ILE D 68 25.20 -1.49 15.89
N LYS D 69 24.00 -1.52 16.48
CA LYS D 69 23.86 -1.63 17.94
C LYS D 69 23.14 -2.92 18.28
N ASP D 70 23.45 -3.54 19.44
CA ASP D 70 22.67 -4.71 19.85
C ASP D 70 21.44 -4.23 20.65
N ASP D 71 20.62 -5.15 21.16
CA ASP D 71 19.37 -4.82 21.87
C ASP D 71 19.58 -3.89 23.07
N ASP D 72 20.75 -3.96 23.73
CA ASP D 72 21.11 -3.17 24.92
C ASP D 72 21.94 -1.91 24.56
N PHE D 73 21.92 -1.50 23.27
CA PHE D 73 22.62 -0.34 22.72
C PHE D 73 24.17 -0.43 22.88
N LYS D 74 24.72 -1.67 22.89
CA LYS D 74 26.16 -1.88 22.88
C LYS D 74 26.61 -1.75 21.43
N THR D 75 27.71 -1.03 21.15
CA THR D 75 28.19 -0.86 19.79
C THR D 75 28.82 -2.16 19.30
N ILE D 76 28.35 -2.63 18.15
CA ILE D 76 28.86 -3.84 17.52
C ILE D 76 29.85 -3.43 16.42
N TRP D 77 29.48 -2.43 15.62
CA TRP D 77 30.27 -1.95 14.48
C TRP D 77 29.96 -0.51 14.21
N SER D 78 30.94 0.22 13.67
CA SER D 78 30.72 1.58 13.25
C SER D 78 31.50 1.91 11.99
N SER D 79 30.93 2.80 11.14
CA SER D 79 31.59 3.30 9.95
C SER D 79 32.72 4.26 10.33
N ASN D 80 32.69 4.80 11.58
CA ASN D 80 33.64 5.76 12.17
C ASN D 80 33.78 7.01 11.27
N SER D 81 32.68 7.39 10.60
CA SER D 81 32.65 8.51 9.65
C SER D 81 31.91 9.76 10.19
N SER D 82 32.03 10.04 11.50
CA SER D 82 31.39 11.19 12.16
C SER D 82 31.95 12.50 11.56
N SER D 83 31.04 13.40 11.19
CA SER D 83 31.34 14.67 10.52
C SER D 83 30.42 15.79 11.09
N LYS D 84 30.22 16.88 10.33
CA LYS D 84 29.41 18.05 10.70
C LYS D 84 27.96 17.65 11.02
N GLN D 85 27.35 18.30 12.03
CA GLN D 85 25.96 18.06 12.40
C GLN D 85 25.05 18.46 11.21
N GLY D 86 24.09 17.61 10.89
CA GLY D 86 23.15 17.86 9.79
C GLY D 86 22.44 16.61 9.34
N ASP D 87 21.79 16.67 8.18
CA ASP D 87 21.05 15.53 7.63
C ASP D 87 21.93 14.74 6.68
N TYR D 88 21.99 13.40 6.85
CA TYR D 88 22.80 12.53 5.98
C TYR D 88 21.94 11.49 5.26
N VAL D 89 22.51 10.84 4.24
CA VAL D 89 21.82 9.77 3.51
C VAL D 89 22.83 8.71 3.13
N LEU D 90 22.45 7.45 3.30
CA LEU D 90 23.21 6.30 2.85
C LEU D 90 22.51 5.85 1.58
N ILE D 91 23.23 5.81 0.46
CA ILE D 91 22.66 5.37 -0.80
C ILE D 91 23.30 4.07 -1.25
N LEU D 92 22.48 3.04 -1.48
CA LEU D 92 22.95 1.83 -2.13
C LEU D 92 22.86 2.14 -3.62
N ARG D 93 23.97 2.62 -4.20
CA ARG D 93 24.02 3.09 -5.59
C ARG D 93 23.79 2.01 -6.62
N GLN D 93 23.97 2.62 -4.20
CA GLN D 93 24.02 3.09 -5.59
C GLN D 93 23.79 2.01 -6.62
N ASP D 94 23.41 2.44 -7.84
CA ASP D 94 23.21 1.54 -8.97
C ASP D 94 24.51 0.81 -9.34
N ASP D 95 25.68 1.41 -9.01
CA ASP D 95 26.97 0.82 -9.34
C ASP D 95 27.48 -0.13 -8.23
N GLY D 96 26.62 -0.48 -7.28
CA GLY D 96 26.94 -1.43 -6.21
C GLY D 96 27.51 -0.83 -4.93
N PHE D 97 28.13 0.36 -5.01
CA PHE D 97 28.71 0.99 -3.82
C PHE D 97 27.62 1.48 -2.89
N ALA D 98 27.86 1.38 -1.57
CA ALA D 98 26.98 1.90 -0.53
C ALA D 98 27.71 3.10 0.03
N VAL D 99 27.21 4.32 -0.23
CA VAL D 99 27.93 5.55 0.11
C VAL D 99 27.11 6.44 1.05
N ILE D 100 27.77 7.02 2.06
CA ILE D 100 27.13 7.98 2.96
C ILE D 100 27.49 9.38 2.47
N TYR D 101 26.48 10.22 2.23
CA TYR D 101 26.64 11.62 1.82
C TYR D 101 26.06 12.55 2.85
N GLY D 102 26.71 13.69 3.04
CA GLY D 102 26.19 14.71 3.92
C GLY D 102 27.23 15.66 4.48
N PRO D 103 26.79 16.71 5.18
CA PRO D 103 25.37 17.05 5.48
C PRO D 103 24.63 17.68 4.30
N ALA D 104 23.30 17.85 4.44
CA ALA D 104 22.46 18.53 3.45
C ALA D 104 22.89 20.00 3.37
N ILE D 105 23.20 20.50 2.15
CA ILE D 105 23.68 21.88 1.99
C ILE D 105 22.66 22.78 1.29
N TRP D 106 21.65 22.17 0.65
CA TRP D 106 20.60 22.86 -0.11
C TRP D 106 19.39 21.97 -0.27
N GLU D 107 18.19 22.57 -0.30
CA GLU D 107 16.92 21.87 -0.51
C GLU D 107 15.93 22.79 -1.23
N THR D 108 14.97 22.19 -1.95
CA THR D 108 13.92 22.93 -2.66
C THR D 108 12.95 23.53 -1.62
N SER D 109 12.69 22.78 -0.55
N LEU E 1 -20.22 -12.96 12.55
CA LEU E 1 -20.05 -11.53 12.26
C LEU E 1 -18.91 -11.36 11.27
N GLY E 2 -19.08 -10.48 10.29
CA GLY E 2 -18.00 -10.20 9.34
C GLY E 2 -16.99 -9.26 9.95
N THR E 3 -15.80 -9.15 9.36
CA THR E 3 -14.82 -8.18 9.87
C THR E 3 -15.29 -6.75 9.59
N ASN E 4 -16.11 -6.58 8.54
CA ASN E 4 -16.56 -5.28 8.06
C ASN E 4 -18.06 -5.26 7.76
N TYR E 5 -18.81 -6.27 8.24
CA TYR E 5 -20.26 -6.27 8.05
C TYR E 5 -21.00 -6.91 9.20
N LEU E 6 -22.27 -6.55 9.35
CA LEU E 6 -23.21 -7.11 10.31
C LEU E 6 -24.45 -7.53 9.54
N LEU E 7 -24.81 -8.82 9.58
CA LEU E 7 -26.00 -9.29 8.88
C LEU E 7 -27.19 -9.34 9.82
N SER E 8 -28.42 -9.29 9.26
CA SER E 8 -29.66 -9.40 10.05
CA SER E 8 -29.62 -9.36 10.10
C SER E 8 -29.59 -10.70 10.84
N GLY E 9 -29.78 -10.64 12.15
CA GLY E 9 -29.72 -11.83 13.00
C GLY E 9 -28.44 -11.93 13.78
N GLN E 10 -27.39 -11.20 13.36
CA GLN E 10 -26.09 -11.21 14.05
C GLN E 10 -26.00 -10.07 15.08
N THR E 11 -25.00 -10.14 15.97
CA THR E 11 -24.82 -9.14 17.00
C THR E 11 -23.38 -8.64 17.04
N LEU E 12 -23.22 -7.31 17.13
CA LEU E 12 -21.93 -6.68 17.40
C LEU E 12 -21.95 -6.47 18.90
N ASN E 13 -21.22 -7.33 19.66
CA ASN E 13 -21.25 -7.31 21.12
C ASN E 13 -20.46 -6.14 21.71
N THR E 14 -20.58 -5.95 23.04
CA THR E 14 -19.94 -4.87 23.78
C THR E 14 -18.43 -4.87 23.55
N ASP E 15 -17.90 -3.70 23.20
CA ASP E 15 -16.50 -3.37 22.87
C ASP E 15 -16.03 -4.12 21.59
N GLY E 16 -16.98 -4.52 20.74
CA GLY E 16 -16.73 -5.18 19.46
C GLY E 16 -16.48 -4.18 18.35
N HIS E 17 -15.78 -4.62 17.29
CA HIS E 17 -15.46 -3.75 16.16
C HIS E 17 -15.91 -4.30 14.81
N LEU E 18 -16.17 -3.38 13.88
CA LEU E 18 -16.26 -3.53 12.43
C LEU E 18 -15.18 -2.60 11.92
N LYS E 19 -14.30 -3.05 11.00
CA LYS E 19 -13.22 -2.18 10.58
C LYS E 19 -12.93 -2.31 9.10
N ASN E 20 -12.70 -1.18 8.44
CA ASN E 20 -12.30 -1.18 7.04
C ASN E 20 -11.28 -0.07 6.87
N GLY E 21 -10.00 -0.44 6.82
CA GLY E 21 -8.91 0.52 6.72
C GLY E 21 -8.80 1.30 8.02
N ASP E 22 -8.73 2.64 7.94
CA ASP E 22 -8.64 3.52 9.11
C ASP E 22 -9.99 3.74 9.81
N PHE E 23 -11.09 3.27 9.20
CA PHE E 23 -12.44 3.46 9.74
C PHE E 23 -12.78 2.31 10.67
N ASP E 24 -13.07 2.64 11.93
CA ASP E 24 -13.31 1.66 12.98
C ASP E 24 -14.62 1.94 13.72
N LEU E 25 -15.62 1.06 13.52
CA LEU E 25 -16.93 1.14 14.18
C LEU E 25 -16.86 0.37 15.49
N VAL E 26 -17.06 1.05 16.63
CA VAL E 26 -16.99 0.39 17.94
C VAL E 26 -18.31 0.53 18.70
N MET E 27 -18.88 -0.61 19.13
CA MET E 27 -20.05 -0.67 20.01
C MET E 27 -19.47 -0.64 21.41
N GLN E 28 -19.29 0.57 21.97
CA GLN E 28 -18.56 0.74 23.21
C GLN E 28 -19.31 0.32 24.47
N ASN E 29 -18.54 0.08 25.57
CA ASN E 29 -19.06 -0.30 26.90
C ASN E 29 -19.85 0.85 27.55
N ASP E 30 -19.71 2.08 27.01
CA ASP E 30 -20.44 3.25 27.50
C ASP E 30 -21.77 3.41 26.71
N CYS E 31 -22.13 2.42 25.88
CA CYS E 31 -23.35 2.32 25.06
C CYS E 31 -23.35 3.26 23.83
N ASN E 32 -22.23 3.94 23.55
CA ASN E 32 -22.09 4.82 22.38
C ASN E 32 -21.53 4.03 21.20
N LEU E 33 -22.22 4.07 20.05
CA LEU E 33 -21.74 3.42 18.83
C LEU E 33 -21.00 4.51 18.05
N VAL E 34 -19.65 4.39 17.97
CA VAL E 34 -18.83 5.42 17.35
C VAL E 34 -18.10 4.87 16.12
N LEU E 35 -18.17 5.64 15.02
CA LEU E 35 -17.46 5.34 13.79
C LEU E 35 -16.22 6.23 13.77
N TYR E 36 -15.11 5.72 14.32
CA TYR E 36 -13.87 6.48 14.40
C TYR E 36 -13.33 6.78 13.01
N ASN E 37 -12.96 8.06 12.81
CA ASN E 37 -12.45 8.64 11.55
C ASN E 37 -13.58 8.84 10.51
N GLY E 38 -14.83 8.49 10.87
CA GLY E 38 -16.00 8.62 9.99
C GLY E 38 -17.00 9.69 10.36
N ASN E 39 -16.64 10.57 11.32
CA ASN E 39 -17.47 11.70 11.79
C ASN E 39 -18.93 11.28 12.09
N TRP E 40 -19.11 10.16 12.83
CA TRP E 40 -20.43 9.69 13.20
C TRP E 40 -20.43 8.94 14.51
N GLN E 41 -21.51 9.15 15.29
CA GLN E 41 -21.78 8.48 16.54
C GLN E 41 -23.28 8.42 16.78
N SER E 42 -23.74 7.39 17.50
CA SER E 42 -25.17 7.26 17.84
C SER E 42 -25.55 8.29 18.92
N ASN E 43 -24.53 8.87 19.62
CA ASN E 43 -24.65 9.88 20.69
C ASN E 43 -25.51 9.33 21.86
N THR E 44 -25.23 8.09 22.27
CA THR E 44 -25.92 7.39 23.36
C THR E 44 -24.95 7.02 24.49
N ALA E 45 -23.89 7.82 24.68
CA ALA E 45 -22.90 7.62 25.74
C ALA E 45 -23.55 7.72 27.12
N ASN E 46 -23.31 6.68 27.96
CA ASN E 46 -23.78 6.47 29.34
C ASN E 46 -25.29 6.10 29.42
N ASN E 47 -25.95 5.80 28.27
CA ASN E 47 -27.37 5.46 28.25
C ASN E 47 -27.68 3.99 28.61
N GLY E 48 -26.64 3.20 28.87
CA GLY E 48 -26.80 1.79 29.22
C GLY E 48 -25.52 1.02 29.48
N ARG E 49 -25.67 -0.21 29.99
CA ARG E 49 -24.58 -1.13 30.28
C ARG E 49 -24.72 -2.40 29.45
N ASP E 50 -23.58 -3.02 29.07
CA ASP E 50 -23.49 -4.25 28.27
C ASP E 50 -24.34 -4.13 26.97
N CYS E 51 -24.16 -3.02 26.25
CA CYS E 51 -24.91 -2.72 25.02
C CYS E 51 -24.40 -3.51 23.82
N LYS E 52 -25.35 -3.88 22.96
CA LYS E 52 -25.12 -4.67 21.75
C LYS E 52 -25.80 -4.04 20.54
N LEU E 53 -25.22 -4.23 19.35
CA LEU E 53 -25.80 -3.72 18.10
C LEU E 53 -26.38 -4.89 17.31
N THR E 54 -27.64 -4.75 16.87
CA THR E 54 -28.30 -5.77 16.05
C THR E 54 -28.90 -5.12 14.79
N LEU E 55 -29.35 -5.96 13.86
CA LEU E 55 -29.97 -5.53 12.60
C LEU E 55 -31.25 -6.34 12.41
N THR E 56 -32.41 -5.66 12.33
CA THR E 56 -33.71 -6.35 12.21
C THR E 56 -33.91 -6.91 10.81
N ASP E 57 -34.92 -7.78 10.65
CA ASP E 57 -35.28 -8.36 9.36
C ASP E 57 -35.95 -7.31 8.46
N TYR E 58 -36.05 -6.06 8.94
CA TYR E 58 -36.59 -4.94 8.16
C TYR E 58 -35.48 -3.94 7.84
N GLY E 59 -34.24 -4.28 8.21
CA GLY E 59 -33.05 -3.48 7.91
C GLY E 59 -32.76 -2.34 8.87
N GLU E 60 -33.32 -2.40 10.08
CA GLU E 60 -33.12 -1.35 11.06
C GLU E 60 -32.01 -1.73 12.02
N LEU E 61 -31.07 -0.80 12.23
CA LEU E 61 -29.99 -0.96 13.20
C LEU E 61 -30.54 -0.62 14.58
N VAL E 62 -30.28 -1.48 15.56
CA VAL E 62 -30.80 -1.30 16.91
C VAL E 62 -29.71 -1.50 17.95
N ILE E 63 -29.61 -0.55 18.90
CA ILE E 63 -28.72 -0.66 20.07
C ILE E 63 -29.61 -1.03 21.25
N LYS E 64 -29.28 -2.11 21.94
CA LYS E 64 -30.01 -2.55 23.14
C LYS E 64 -29.04 -2.74 24.29
N ASN E 65 -29.49 -2.46 25.54
CA ASN E 65 -28.64 -2.69 26.71
C ASN E 65 -28.68 -4.20 27.06
N GLY E 66 -27.97 -4.60 28.12
CA GLY E 66 -27.91 -6.00 28.56
C GLY E 66 -29.25 -6.65 28.89
N ASP E 67 -30.21 -5.84 29.37
CA ASP E 67 -31.56 -6.30 29.74
C ASP E 67 -32.50 -6.42 28.53
N GLY E 68 -32.09 -5.89 27.37
CA GLY E 68 -32.85 -5.96 26.13
C GLY E 68 -33.65 -4.71 25.78
N SER E 69 -33.54 -3.64 26.59
CA SER E 69 -34.24 -2.37 26.36
C SER E 69 -33.58 -1.61 25.21
N THR E 70 -34.39 -1.04 24.30
CA THR E 70 -33.89 -0.30 23.13
C THR E 70 -33.33 1.06 23.58
N VAL E 71 -32.11 1.38 23.10
CA VAL E 71 -31.39 2.61 23.42
C VAL E 71 -31.38 3.56 22.19
N TRP E 72 -31.25 2.99 20.98
CA TRP E 72 -31.18 3.74 19.73
C TRP E 72 -31.65 2.88 18.57
N ARG E 73 -32.28 3.51 17.56
CA ARG E 73 -32.80 2.89 16.32
C ARG E 73 -32.44 3.75 15.12
N SER E 74 -32.09 3.13 13.96
CA SER E 74 -31.76 3.88 12.75
C SER E 74 -33.00 4.44 12.04
N ARG E 75 -34.22 3.98 12.43
CA ARG E 75 -35.55 4.39 11.96
C ARG E 75 -35.90 3.90 10.53
N ALA E 76 -34.94 3.96 9.58
CA ALA E 76 -35.17 3.52 8.20
C ALA E 76 -35.45 2.01 8.15
N LYS E 77 -36.53 1.65 7.45
CA LYS E 77 -36.97 0.27 7.34
C LYS E 77 -37.45 -0.02 5.93
N SER E 78 -37.38 -1.30 5.52
CA SER E 78 -37.91 -1.72 4.22
C SER E 78 -38.68 -3.05 4.43
N VAL E 79 -38.81 -3.89 3.40
CA VAL E 79 -39.59 -5.14 3.50
C VAL E 79 -38.86 -6.19 4.34
N LYS E 80 -39.61 -7.20 4.83
CA LYS E 80 -38.99 -8.29 5.60
C LYS E 80 -38.07 -9.08 4.68
N GLY E 81 -36.86 -9.33 5.16
CA GLY E 81 -35.85 -10.08 4.41
C GLY E 81 -34.51 -10.07 5.10
N ASN E 82 -33.45 -10.35 4.34
CA ASN E 82 -32.07 -10.40 4.81
C ASN E 82 -31.35 -9.12 4.44
N TYR E 83 -30.73 -8.47 5.44
CA TYR E 83 -30.04 -7.19 5.26
C TYR E 83 -28.59 -7.31 5.70
N ALA E 84 -27.77 -6.34 5.26
CA ALA E 84 -26.37 -6.27 5.63
C ALA E 84 -25.96 -4.84 5.90
N ALA E 85 -25.36 -4.60 7.08
CA ALA E 85 -24.80 -3.31 7.43
C ALA E 85 -23.31 -3.43 7.14
N VAL E 86 -22.80 -2.66 6.17
CA VAL E 86 -21.42 -2.79 5.69
C VAL E 86 -20.62 -1.51 5.92
N LEU E 87 -19.40 -1.66 6.43
CA LEU E 87 -18.50 -0.53 6.60
C LEU E 87 -17.75 -0.31 5.28
N HIS E 88 -18.20 0.70 4.52
CA HIS E 88 -17.66 1.08 3.22
C HIS E 88 -16.21 1.60 3.38
N PRO E 89 -15.26 1.32 2.44
CA PRO E 89 -13.87 1.80 2.60
C PRO E 89 -13.74 3.35 2.58
N ASP E 90 -14.78 4.07 2.16
CA ASP E 90 -14.74 5.53 2.13
C ASP E 90 -15.19 6.12 3.48
N GLY E 91 -15.47 5.26 4.46
CA GLY E 91 -15.77 5.69 5.82
C GLY E 91 -17.21 5.91 6.22
N ARG E 92 -18.12 5.14 5.58
CA ARG E 92 -19.55 5.19 5.86
CA ARG E 92 -19.55 5.19 5.86
C ARG E 92 -20.05 3.82 6.29
N LEU E 93 -21.00 3.77 7.22
CA LEU E 93 -21.66 2.52 7.62
C LEU E 93 -22.96 2.58 6.86
N VAL E 94 -23.22 1.60 5.99
CA VAL E 94 -24.38 1.59 5.10
C VAL E 94 -25.20 0.33 5.29
N VAL E 95 -26.54 0.46 5.39
CA VAL E 95 -27.42 -0.72 5.47
C VAL E 95 -27.93 -0.98 4.06
N PHE E 96 -27.70 -2.19 3.56
CA PHE E 96 -28.16 -2.62 2.22
C PHE E 96 -29.17 -3.73 2.31
N GLY E 97 -30.22 -3.65 1.53
CA GLY E 97 -31.16 -4.75 1.49
C GLY E 97 -32.53 -4.45 0.96
N PRO E 98 -33.35 -5.51 0.82
CA PRO E 98 -33.07 -6.91 1.15
C PRO E 98 -32.18 -7.59 0.12
N SER E 99 -31.72 -8.81 0.42
CA SER E 99 -30.93 -9.55 -0.56
C SER E 99 -31.77 -9.81 -1.80
N VAL E 100 -31.13 -9.76 -2.98
CA VAL E 100 -31.82 -9.94 -4.27
C VAL E 100 -31.32 -11.19 -5.01
N PHE E 101 -30.17 -11.74 -4.60
CA PHE E 101 -29.55 -12.89 -5.28
C PHE E 101 -28.59 -13.59 -4.33
N LYS E 102 -28.50 -14.92 -4.44
CA LYS E 102 -27.60 -15.69 -3.61
C LYS E 102 -26.99 -16.80 -4.44
N ILE E 103 -25.68 -16.99 -4.28
CA ILE E 103 -24.90 -18.11 -4.83
C ILE E 103 -24.71 -19.07 -3.65
N ASP E 104 -25.21 -20.31 -3.79
CA ASP E 104 -25.19 -21.30 -2.73
C ASP E 104 -24.23 -22.46 -3.06
N PRO E 105 -23.00 -22.46 -2.47
CA PRO E 105 -22.06 -23.54 -2.75
C PRO E 105 -22.18 -24.71 -1.74
N TRP E 106 -23.32 -24.77 -0.98
CA TRP E 106 -23.53 -25.81 0.04
C TRP E 106 -24.54 -26.88 -0.33
N VAL E 107 -25.58 -26.52 -1.09
CA VAL E 107 -26.67 -27.44 -1.47
C VAL E 107 -26.14 -28.53 -2.44
N PRO E 108 -26.42 -29.82 -2.19
CA PRO E 108 -25.92 -30.86 -3.12
C PRO E 108 -26.75 -31.01 -4.39
N GLY E 109 -28.00 -30.52 -4.36
CA GLY E 109 -28.97 -30.62 -5.45
C GLY E 109 -28.52 -30.01 -6.76
N ASN F 1 -12.55 5.73 -8.88
CA ASN F 1 -12.79 4.32 -8.57
C ASN F 1 -12.90 4.10 -7.05
N ILE F 2 -13.69 3.11 -6.64
CA ILE F 2 -13.89 2.77 -5.22
C ILE F 2 -12.74 1.88 -4.75
N PRO F 3 -12.12 2.14 -3.57
CA PRO F 3 -11.05 1.25 -3.09
C PRO F 3 -11.55 -0.18 -2.90
N PHE F 4 -10.68 -1.14 -3.15
CA PHE F 4 -11.05 -2.53 -3.02
C PHE F 4 -11.02 -3.02 -1.56
N THR F 5 -11.99 -3.87 -1.19
CA THR F 5 -12.07 -4.60 0.09
C THR F 5 -12.18 -6.06 -0.31
N ASP F 6 -11.38 -6.94 0.30
CA ASP F 6 -11.22 -8.33 -0.15
C ASP F 6 -12.51 -9.15 -0.26
N ASN F 7 -13.50 -8.93 0.62
CA ASN F 7 -14.74 -9.73 0.61
C ASN F 7 -15.96 -8.99 0.04
N LEU F 8 -15.77 -7.79 -0.54
CA LEU F 8 -16.89 -6.98 -1.05
C LEU F 8 -16.72 -6.58 -2.50
N LEU F 9 -17.84 -6.42 -3.22
CA LEU F 9 -17.86 -5.84 -4.56
C LEU F 9 -19.04 -4.88 -4.63
N PHE F 10 -18.77 -3.56 -4.63
CA PHE F 10 -19.84 -2.56 -4.69
C PHE F 10 -20.23 -2.29 -6.14
N SER F 11 -21.45 -1.75 -6.34
CA SER F 11 -21.91 -1.34 -7.67
C SER F 11 -20.83 -0.49 -8.37
N GLY F 12 -20.51 -0.84 -9.60
CA GLY F 12 -19.50 -0.11 -10.38
C GLY F 12 -18.13 -0.73 -10.36
N GLN F 13 -17.78 -1.52 -9.33
CA GLN F 13 -16.46 -2.15 -9.31
C GLN F 13 -16.39 -3.30 -10.32
N VAL F 14 -15.21 -3.55 -10.88
CA VAL F 14 -15.11 -4.66 -11.85
C VAL F 14 -14.00 -5.61 -11.45
N LEU F 15 -14.21 -6.90 -11.72
CA LEU F 15 -13.21 -7.95 -11.56
C LEU F 15 -12.99 -8.60 -12.91
N TYR F 16 -11.74 -8.97 -13.21
CA TYR F 16 -11.42 -9.63 -14.47
C TYR F 16 -10.03 -10.24 -14.36
N GLY F 17 -9.67 -11.09 -15.32
CA GLY F 17 -8.34 -11.67 -15.38
C GLY F 17 -7.82 -12.28 -14.10
N ASP F 18 -8.67 -13.11 -13.46
CA ASP F 18 -8.41 -13.86 -12.23
C ASP F 18 -8.49 -12.97 -10.97
N GLY F 19 -9.04 -11.76 -11.12
CA GLY F 19 -9.37 -10.86 -10.01
C GLY F 19 -10.37 -11.58 -9.14
N ARG F 20 -10.33 -11.40 -7.79
CA ARG F 20 -11.20 -12.20 -6.92
CA ARG F 20 -11.24 -12.18 -6.94
C ARG F 20 -11.59 -11.53 -5.62
N LEU F 21 -12.65 -12.05 -4.99
CA LEU F 21 -13.10 -11.75 -3.64
C LEU F 21 -12.59 -12.91 -2.81
N THR F 22 -12.20 -12.66 -1.56
CA THR F 22 -11.69 -13.70 -0.66
C THR F 22 -12.23 -13.46 0.72
N ALA F 23 -12.57 -14.55 1.41
CA ALA F 23 -13.05 -14.51 2.81
C ALA F 23 -12.77 -15.87 3.42
N LYS F 24 -11.93 -15.91 4.48
CA LYS F 24 -11.50 -17.15 5.13
C LYS F 24 -10.85 -18.02 4.04
N ASN F 25 -11.36 -19.25 3.81
CA ASN F 25 -10.88 -20.18 2.78
C ASN F 25 -11.69 -20.07 1.48
N HIS F 26 -12.70 -19.20 1.44
CA HIS F 26 -13.56 -19.03 0.26
C HIS F 26 -12.98 -18.01 -0.72
N GLN F 27 -13.23 -18.24 -2.02
CA GLN F 27 -12.83 -17.32 -3.08
C GLN F 27 -13.91 -17.22 -4.14
N LEU F 28 -14.12 -16.03 -4.71
CA LEU F 28 -15.02 -15.86 -5.85
C LEU F 28 -14.18 -15.23 -6.91
N VAL F 29 -13.80 -16.00 -7.96
CA VAL F 29 -12.85 -15.56 -8.98
C VAL F 29 -13.49 -15.30 -10.35
N MET F 30 -13.22 -14.12 -10.94
CA MET F 30 -13.62 -13.88 -12.34
C MET F 30 -12.40 -14.30 -13.15
N GLN F 31 -12.37 -15.57 -13.59
CA GLN F 31 -11.21 -16.11 -14.28
C GLN F 31 -11.02 -15.61 -15.71
N GLY F 32 -9.78 -15.69 -16.17
CA GLY F 32 -9.38 -15.34 -17.53
C GLY F 32 -9.96 -16.23 -18.62
N ASP F 33 -10.60 -17.37 -18.25
CA ASP F 33 -11.25 -18.26 -19.23
C ASP F 33 -12.75 -17.94 -19.36
N CYS F 34 -13.18 -16.77 -18.81
CA CYS F 34 -14.55 -16.24 -18.86
CA CYS F 34 -14.56 -16.28 -18.85
C CYS F 34 -15.50 -17.01 -17.89
N ASN F 35 -14.93 -17.78 -16.96
CA ASN F 35 -15.73 -18.51 -16.00
C ASN F 35 -15.66 -17.86 -14.62
N LEU F 36 -16.82 -17.61 -13.99
CA LEU F 36 -16.91 -17.05 -12.64
C LEU F 36 -17.01 -18.25 -11.70
N VAL F 37 -16.03 -18.40 -10.77
CA VAL F 37 -15.99 -19.59 -9.93
C VAL F 37 -15.95 -19.25 -8.45
N LEU F 38 -16.81 -19.92 -7.68
CA LEU F 38 -16.80 -19.82 -6.23
C LEU F 38 -16.08 -21.05 -5.72
N TYR F 39 -14.86 -20.85 -5.23
CA TYR F 39 -14.06 -21.90 -4.60
C TYR F 39 -14.34 -21.83 -3.12
N GLY F 40 -15.18 -22.71 -2.62
CA GLY F 40 -15.55 -22.66 -1.21
C GLY F 40 -16.85 -23.36 -0.93
N GLY F 41 -17.36 -23.19 0.29
CA GLY F 41 -18.54 -23.90 0.74
C GLY F 41 -18.19 -25.38 0.79
N LYS F 42 -19.12 -26.23 0.39
CA LYS F 42 -18.88 -27.66 0.39
C LYS F 42 -18.60 -28.18 -1.04
N TYR F 43 -19.28 -27.60 -2.04
CA TYR F 43 -19.19 -28.08 -3.43
C TYR F 43 -18.73 -27.04 -4.42
N GLY F 44 -18.66 -25.78 -4.01
CA GLY F 44 -18.30 -24.70 -4.91
C GLY F 44 -19.46 -24.37 -5.83
N TRP F 45 -19.21 -23.47 -6.79
CA TRP F 45 -20.19 -23.06 -7.78
C TRP F 45 -19.48 -22.43 -8.96
N GLN F 46 -20.08 -22.49 -10.15
CA GLN F 46 -19.49 -21.80 -11.33
C GLN F 46 -20.59 -21.33 -12.26
N SER F 47 -20.31 -20.29 -13.05
CA SER F 47 -21.26 -19.77 -14.04
C SER F 47 -21.35 -20.71 -15.23
N ASN F 48 -20.38 -21.63 -15.39
CA ASN F 48 -20.30 -22.62 -16.49
C ASN F 48 -20.17 -21.88 -17.84
N THR F 49 -19.22 -20.94 -17.91
CA THR F 49 -19.04 -20.12 -19.11
C THR F 49 -17.58 -20.12 -19.64
N HIS F 50 -16.82 -21.18 -19.32
CA HIS F 50 -15.46 -21.38 -19.79
C HIS F 50 -15.44 -21.31 -21.33
N GLY F 51 -14.61 -20.41 -21.85
CA GLY F 51 -14.42 -20.21 -23.29
C GLY F 51 -15.54 -19.54 -24.06
N ASN F 52 -16.56 -19.01 -23.37
CA ASN F 52 -17.72 -18.40 -24.04
C ASN F 52 -17.45 -17.00 -24.60
N GLY F 53 -16.36 -16.41 -24.17
CA GLY F 53 -15.96 -15.09 -24.66
C GLY F 53 -14.51 -14.80 -24.36
N GLU F 54 -14.03 -13.67 -24.84
CA GLU F 54 -12.65 -13.26 -24.65
C GLU F 54 -12.58 -12.03 -23.79
N HIS F 55 -11.58 -11.98 -22.89
CA HIS F 55 -11.28 -10.85 -21.99
C HIS F 55 -12.54 -10.37 -21.28
N CYS F 56 -13.20 -11.29 -20.57
CA CYS F 56 -14.45 -11.04 -19.87
CA CYS F 56 -14.44 -10.89 -19.92
C CYS F 56 -14.23 -10.30 -18.56
N PHE F 57 -15.24 -9.61 -18.09
CA PHE F 57 -15.19 -8.94 -16.79
C PHE F 57 -16.50 -9.08 -16.09
N LEU F 58 -16.48 -8.97 -14.77
CA LEU F 58 -17.65 -9.04 -13.92
C LEU F 58 -17.98 -7.64 -13.40
N ARG F 59 -19.26 -7.24 -13.43
CA ARG F 59 -19.63 -5.92 -12.90
C ARG F 59 -21.03 -5.96 -12.31
N LEU F 60 -21.17 -5.44 -11.08
CA LEU F 60 -22.46 -5.31 -10.40
C LEU F 60 -22.97 -3.90 -10.74
N ASN F 61 -24.21 -3.80 -11.21
CA ASN F 61 -24.72 -2.48 -11.57
C ASN F 61 -25.51 -1.83 -10.42
N HIS F 62 -26.14 -0.68 -10.70
CA HIS F 62 -26.85 0.06 -9.69
C HIS F 62 -28.35 -0.30 -9.63
N LYS F 63 -28.68 -1.53 -10.05
CA LYS F 63 -30.04 -2.10 -9.94
C LYS F 63 -29.93 -3.52 -9.35
N GLY F 64 -28.74 -3.92 -8.92
CA GLY F 64 -28.57 -5.23 -8.30
C GLY F 64 -28.32 -6.39 -9.24
N GLU F 65 -28.01 -6.11 -10.53
CA GLU F 65 -27.72 -7.14 -11.51
C GLU F 65 -26.22 -7.34 -11.62
N LEU F 66 -25.78 -8.59 -11.46
CA LEU F 66 -24.37 -8.99 -11.58
C LEU F 66 -24.18 -9.62 -12.96
N ILE F 67 -23.29 -9.06 -13.78
CA ILE F 67 -23.16 -9.50 -15.17
C ILE F 67 -21.71 -9.79 -15.53
N ILE F 68 -21.54 -10.80 -16.38
CA ILE F 68 -20.26 -11.12 -17.03
C ILE F 68 -20.42 -10.64 -18.44
N LYS F 69 -19.57 -9.71 -18.88
CA LYS F 69 -19.55 -9.21 -20.24
C LYS F 69 -18.29 -9.65 -20.92
N ASP F 70 -18.30 -9.89 -22.24
CA ASP F 70 -17.04 -10.18 -22.93
C ASP F 70 -16.44 -8.83 -23.38
N ASP F 71 -15.29 -8.85 -24.09
CA ASP F 71 -14.58 -7.63 -24.53
C ASP F 71 -15.45 -6.68 -25.38
N ASP F 72 -16.41 -7.23 -26.14
CA ASP F 72 -17.34 -6.49 -27.02
C ASP F 72 -18.68 -6.17 -26.32
N PHE F 73 -18.75 -6.35 -24.98
CA PHE F 73 -19.93 -6.09 -24.14
C PHE F 73 -21.12 -7.01 -24.47
N LYS F 74 -20.84 -8.23 -24.95
CA LYS F 74 -21.87 -9.25 -25.16
C LYS F 74 -22.07 -9.92 -23.80
N THR F 75 -23.34 -10.08 -23.36
CA THR F 75 -23.63 -10.74 -22.08
C THR F 75 -23.29 -12.24 -22.14
N ILE F 76 -22.44 -12.67 -21.21
CA ILE F 76 -22.01 -14.07 -21.09
C ILE F 76 -22.83 -14.78 -20.01
N TRP F 77 -23.14 -14.05 -18.93
CA TRP F 77 -23.90 -14.56 -17.79
C TRP F 77 -24.49 -13.37 -17.01
N SER F 78 -25.63 -13.61 -16.37
CA SER F 78 -26.26 -12.64 -15.51
C SER F 78 -26.93 -13.32 -14.33
N SER F 79 -26.93 -12.63 -13.17
CA SER F 79 -27.66 -13.09 -12.00
C SER F 79 -29.17 -12.99 -12.23
N ASN F 80 -29.58 -12.16 -13.23
CA ASN F 80 -30.99 -11.91 -13.59
C ASN F 80 -31.76 -11.31 -12.40
N SER F 81 -31.03 -10.66 -11.47
CA SER F 81 -31.63 -9.99 -10.33
C SER F 81 -31.73 -8.52 -10.70
N SER F 82 -32.83 -7.89 -10.35
CA SER F 82 -33.08 -6.51 -10.73
C SER F 82 -34.01 -5.86 -9.73
N SER F 83 -33.61 -4.70 -9.19
CA SER F 83 -34.43 -4.01 -8.20
C SER F 83 -34.27 -2.49 -8.30
N LYS F 84 -34.60 -1.75 -7.23
CA LYS F 84 -34.56 -0.29 -7.15
CA LYS F 84 -34.56 -0.29 -7.15
C LYS F 84 -33.24 0.31 -7.60
N GLN F 85 -33.31 1.48 -8.25
CA GLN F 85 -32.10 2.20 -8.63
C GLN F 85 -31.43 2.61 -7.32
N GLY F 86 -30.16 2.27 -7.16
CA GLY F 86 -29.45 2.59 -5.93
C GLY F 86 -28.11 1.91 -5.83
N ASP F 87 -27.51 1.94 -4.64
CA ASP F 87 -26.21 1.30 -4.42
C ASP F 87 -26.39 -0.11 -3.89
N TYR F 88 -25.63 -1.05 -4.45
CA TYR F 88 -25.67 -2.47 -4.09
C TYR F 88 -24.28 -2.98 -3.69
N VAL F 89 -24.25 -4.14 -3.01
CA VAL F 89 -22.98 -4.75 -2.62
C VAL F 89 -23.12 -6.25 -2.75
N LEU F 90 -22.11 -6.87 -3.35
CA LEU F 90 -21.99 -8.33 -3.39
C LEU F 90 -21.03 -8.68 -2.27
N ILE F 91 -21.47 -9.53 -1.33
CA ILE F 91 -20.61 -9.94 -0.22
C ILE F 91 -20.28 -11.41 -0.35
N LEU F 92 -18.99 -11.72 -0.32
CA LEU F 92 -18.55 -13.11 -0.20
C LEU F 92 -18.50 -13.30 1.31
N ARG F 93 -19.55 -13.86 1.87
CA ARG F 93 -19.70 -13.98 3.32
C ARG F 93 -18.76 -15.01 3.94
N GLN F 93 -19.55 -13.86 1.87
CA GLN F 93 -19.70 -13.98 3.32
C GLN F 93 -18.76 -15.01 3.94
N ASP F 94 -18.53 -14.89 5.25
CA ASP F 94 -17.70 -15.82 6.01
C ASP F 94 -18.21 -17.25 5.94
N ASP F 95 -19.55 -17.41 5.75
CA ASP F 95 -20.17 -18.74 5.67
C ASP F 95 -20.15 -19.33 4.25
N GLY F 96 -19.47 -18.67 3.31
CA GLY F 96 -19.29 -19.19 1.95
C GLY F 96 -20.29 -18.76 0.90
N PHE F 97 -21.48 -18.28 1.32
CA PHE F 97 -22.47 -17.77 0.38
C PHE F 97 -22.01 -16.45 -0.20
N ALA F 98 -22.32 -16.21 -1.48
CA ALA F 98 -22.08 -14.92 -2.14
C ALA F 98 -23.46 -14.31 -2.35
N VAL F 99 -23.74 -13.16 -1.71
CA VAL F 99 -25.07 -12.58 -1.72
C VAL F 99 -25.05 -11.13 -2.18
N ILE F 100 -26.02 -10.75 -3.03
CA ILE F 100 -26.15 -9.35 -3.47
C ILE F 100 -27.20 -8.69 -2.56
N TYR F 101 -26.83 -7.61 -1.89
CA TYR F 101 -27.72 -6.83 -1.04
C TYR F 101 -27.94 -5.46 -1.62
N GLY F 102 -29.16 -4.98 -1.53
CA GLY F 102 -29.46 -3.62 -1.96
C GLY F 102 -30.93 -3.34 -2.20
N PRO F 103 -31.28 -2.06 -2.39
CA PRO F 103 -30.38 -0.90 -2.38
C PRO F 103 -29.98 -0.47 -0.98
N ALA F 104 -29.11 0.54 -0.88
CA ALA F 104 -28.75 1.16 0.40
C ALA F 104 -29.98 1.89 0.90
N ILE F 105 -30.40 1.64 2.16
CA ILE F 105 -31.60 2.27 2.74
C ILE F 105 -31.26 3.27 3.87
N TRP F 106 -30.03 3.20 4.38
CA TRP F 106 -29.54 4.04 5.48
C TRP F 106 -28.03 4.13 5.41
N GLU F 107 -27.48 5.30 5.77
CA GLU F 107 -26.03 5.55 5.76
C GLU F 107 -25.69 6.56 6.85
N THR F 108 -24.45 6.52 7.34
CA THR F 108 -24.00 7.45 8.37
C THR F 108 -23.78 8.85 7.77
N SER F 109 -23.41 8.93 6.49
CA SER F 109 -23.19 10.20 5.79
C SER F 109 -23.43 10.06 4.28
N ALA F 110 -23.72 11.18 3.60
CA ALA F 110 -23.96 11.22 2.15
C ALA F 110 -22.65 11.01 1.38
N LEU G 1 -12.97 -6.02 23.06
CA LEU G 1 -11.61 -6.42 22.73
C LEU G 1 -11.07 -5.61 21.58
N GLY G 2 -9.79 -5.80 21.27
CA GLY G 2 -9.17 -5.08 20.17
C GLY G 2 -9.50 -5.70 18.84
N THR G 3 -9.18 -4.99 17.76
CA THR G 3 -9.33 -5.53 16.41
C THR G 3 -8.32 -6.67 16.19
N ASN G 4 -7.19 -6.62 16.91
CA ASN G 4 -6.08 -7.57 16.74
C ASN G 4 -5.50 -8.09 18.07
N TYR G 5 -6.26 -7.95 19.17
CA TYR G 5 -5.82 -8.45 20.46
C TYR G 5 -7.00 -8.86 21.31
N LEU G 6 -6.71 -9.78 22.23
CA LEU G 6 -7.62 -10.31 23.26
C LEU G 6 -6.90 -10.19 24.58
N LEU G 7 -7.47 -9.44 25.52
CA LEU G 7 -6.87 -9.30 26.84
C LEU G 7 -7.49 -10.28 27.83
N SER G 8 -6.76 -10.60 28.91
CA SER G 8 -7.26 -11.49 29.96
CA SER G 8 -7.25 -11.47 29.98
C SER G 8 -8.56 -10.88 30.52
N GLY G 9 -9.61 -11.68 30.55
CA GLY G 9 -10.91 -11.24 31.01
C GLY G 9 -11.88 -10.91 29.88
N GLN G 10 -11.36 -10.76 28.64
CA GLN G 10 -12.17 -10.48 27.46
C GLN G 10 -12.54 -11.78 26.74
N THR G 11 -13.57 -11.73 25.86
CA THR G 11 -14.02 -12.91 25.12
C THR G 11 -14.09 -12.67 23.63
N LEU G 12 -13.59 -13.64 22.84
CA LEU G 12 -13.77 -13.67 21.40
C LEU G 12 -14.98 -14.60 21.22
N ASN G 13 -16.15 -14.00 20.96
CA ASN G 13 -17.40 -14.74 20.85
CA ASN G 13 -17.43 -14.71 20.82
C ASN G 13 -17.52 -15.54 19.54
N THR G 14 -18.55 -16.40 19.46
CA THR G 14 -18.83 -17.26 18.29
C THR G 14 -18.93 -16.42 17.02
N ASP G 15 -18.17 -16.84 16.00
CA ASP G 15 -18.03 -16.26 14.66
C ASP G 15 -17.37 -14.87 14.69
N GLY G 16 -16.66 -14.58 15.78
CA GLY G 16 -15.93 -13.33 15.95
C GLY G 16 -14.54 -13.43 15.36
N HIS G 17 -13.95 -12.27 15.03
CA HIS G 17 -12.62 -12.19 14.43
C HIS G 17 -11.61 -11.34 15.18
N LEU G 18 -10.33 -11.71 15.03
CA LEU G 18 -9.15 -10.89 15.28
C LEU G 18 -8.48 -10.80 13.91
N LYS G 19 -8.05 -9.61 13.47
CA LYS G 19 -7.48 -9.56 12.13
C LYS G 19 -6.31 -8.60 12.08
N ASN G 20 -5.28 -8.98 11.33
CA ASN G 20 -4.12 -8.16 11.07
C ASN G 20 -3.66 -8.46 9.65
N GLY G 21 -3.97 -7.55 8.74
CA GLY G 21 -3.67 -7.72 7.32
C GLY G 21 -4.45 -8.90 6.76
N ASP G 22 -3.76 -9.82 6.07
CA ASP G 22 -4.40 -10.99 5.47
C ASP G 22 -4.64 -12.12 6.48
N PHE G 23 -4.16 -11.95 7.73
CA PHE G 23 -4.30 -12.99 8.76
C PHE G 23 -5.57 -12.75 9.54
N ASP G 24 -6.46 -13.75 9.53
CA ASP G 24 -7.79 -13.67 10.13
C ASP G 24 -8.04 -14.83 11.08
N LEU G 25 -8.11 -14.55 12.38
CA LEU G 25 -8.37 -15.53 13.44
C LEU G 25 -9.86 -15.55 13.70
N VAL G 26 -10.52 -16.70 13.46
CA VAL G 26 -11.97 -16.83 13.61
C VAL G 26 -12.32 -17.91 14.62
N MET G 27 -13.12 -17.57 15.65
CA MET G 27 -13.66 -18.52 16.63
C MET G 27 -14.96 -19.00 16.00
N GLN G 28 -14.88 -20.05 15.19
CA GLN G 28 -16.00 -20.51 14.36
C GLN G 28 -17.16 -21.14 15.11
N ASN G 29 -18.36 -21.14 14.48
CA ASN G 29 -19.59 -21.74 15.02
C ASN G 29 -19.47 -23.26 15.16
N ASP G 30 -18.52 -23.89 14.43
CA ASP G 30 -18.26 -25.33 14.53
C ASP G 30 -17.22 -25.63 15.65
N CYS G 31 -16.87 -24.63 16.50
CA CYS G 31 -15.95 -24.73 17.65
C CYS G 31 -14.47 -24.81 17.26
N ASN G 32 -14.12 -24.69 15.96
CA ASN G 32 -12.73 -24.69 15.56
C ASN G 32 -12.19 -23.26 15.55
N LEU G 33 -11.04 -23.03 16.17
CA LEU G 33 -10.37 -21.71 16.14
C LEU G 33 -9.35 -21.80 15.03
N VAL G 34 -9.54 -21.02 13.95
CA VAL G 34 -8.69 -21.11 12.76
C VAL G 34 -8.04 -19.79 12.47
N LEU G 35 -6.71 -19.82 12.21
CA LEU G 35 -5.97 -18.63 11.83
C LEU G 35 -5.75 -18.71 10.31
N TYR G 36 -6.68 -18.10 9.55
CA TYR G 36 -6.63 -18.13 8.10
C TYR G 36 -5.39 -17.41 7.60
N ASN G 37 -4.66 -18.10 6.71
CA ASN G 37 -3.37 -17.74 6.11
C ASN G 37 -2.20 -17.89 7.12
N GLY G 38 -2.52 -18.28 8.37
CA GLY G 38 -1.55 -18.48 9.45
C GLY G 38 -1.12 -19.92 9.69
N ASN G 39 -1.58 -20.87 8.85
CA ASN G 39 -1.25 -22.31 8.92
C ASN G 39 -1.43 -22.88 10.35
N TRP G 40 -2.56 -22.56 10.98
CA TRP G 40 -2.84 -23.02 12.34
C TRP G 40 -4.33 -23.09 12.59
N GLN G 41 -4.72 -24.10 13.38
CA GLN G 41 -6.07 -24.32 13.85
C GLN G 41 -6.01 -25.07 15.17
N SER G 42 -7.03 -24.88 16.03
CA SER G 42 -7.08 -25.60 17.32
C SER G 42 -7.45 -27.08 17.10
N ASN G 43 -7.96 -27.42 15.89
CA ASN G 43 -8.38 -28.75 15.45
C ASN G 43 -9.48 -29.30 16.39
N THR G 44 -10.50 -28.45 16.63
CA THR G 44 -11.61 -28.78 17.52
C THR G 44 -12.97 -28.64 16.80
N ALA G 45 -13.01 -28.84 15.48
CA ALA G 45 -14.26 -28.76 14.72
C ALA G 45 -15.25 -29.83 15.20
N ASN G 46 -16.52 -29.42 15.39
CA ASN G 46 -17.69 -30.20 15.84
C ASN G 46 -17.51 -30.75 17.29
N ASN G 47 -16.71 -30.07 18.13
CA ASN G 47 -16.49 -30.49 19.53
C ASN G 47 -17.46 -29.77 20.50
N GLY G 48 -18.29 -28.88 19.96
CA GLY G 48 -19.27 -28.12 20.74
C GLY G 48 -19.98 -27.04 19.95
N ARG G 49 -20.94 -26.38 20.61
CA ARG G 49 -21.74 -25.31 20.01
C ARG G 49 -21.59 -24.02 20.81
N ASP G 50 -21.76 -22.86 20.14
CA ASP G 50 -21.67 -21.51 20.70
C ASP G 50 -20.34 -21.34 21.46
N CYS G 51 -19.23 -21.81 20.86
CA CYS G 51 -17.90 -21.77 21.47
C CYS G 51 -17.32 -20.36 21.50
N LYS G 52 -16.56 -20.09 22.55
CA LYS G 52 -15.95 -18.78 22.83
C LYS G 52 -14.49 -18.93 23.23
N LEU G 53 -13.65 -17.93 22.89
CA LEU G 53 -12.24 -17.96 23.27
C LEU G 53 -11.98 -16.96 24.38
N THR G 54 -11.30 -17.42 25.45
CA THR G 54 -10.92 -16.61 26.60
C THR G 54 -9.42 -16.76 26.89
N LEU G 55 -8.90 -15.89 27.76
CA LEU G 55 -7.50 -15.85 28.15
C LEU G 55 -7.47 -15.71 29.66
N THR G 56 -6.89 -16.71 30.35
CA THR G 56 -6.84 -16.70 31.83
C THR G 56 -5.84 -15.66 32.37
N ASP G 57 -5.84 -15.45 33.70
CA ASP G 57 -4.92 -14.54 34.38
C ASP G 57 -3.51 -15.17 34.50
N TYR G 58 -3.31 -16.36 33.90
CA TYR G 58 -2.03 -17.07 33.88
C TYR G 58 -1.52 -17.19 32.43
N GLY G 59 -2.22 -16.55 31.50
CA GLY G 59 -1.86 -16.48 30.09
C GLY G 59 -2.22 -17.67 29.23
N GLU G 60 -3.19 -18.46 29.67
CA GLU G 60 -3.61 -19.63 28.93
C GLU G 60 -4.83 -19.29 28.09
N LEU G 61 -4.79 -19.65 26.80
CA LEU G 61 -5.93 -19.50 25.90
C LEU G 61 -6.84 -20.70 26.11
N VAL G 62 -8.15 -20.46 26.24
CA VAL G 62 -9.13 -21.51 26.52
C VAL G 62 -10.35 -21.36 25.60
N ILE G 63 -10.75 -22.47 24.96
CA ILE G 63 -11.98 -22.53 24.15
C ILE G 63 -13.00 -23.27 24.99
N LYS G 64 -14.19 -22.66 25.21
CA LYS G 64 -15.28 -23.26 25.98
C LYS G 64 -16.57 -23.28 25.14
N ASN G 65 -17.44 -24.28 25.34
CA ASN G 65 -18.72 -24.34 24.62
C ASN G 65 -19.75 -23.39 25.28
N GLY G 66 -20.94 -23.30 24.68
CA GLY G 66 -22.04 -22.44 25.13
C GLY G 66 -22.58 -22.78 26.50
N GLY G 68 -20.06 -23.66 28.91
CA GLY G 68 -18.98 -23.39 29.85
C GLY G 68 -17.97 -24.53 30.00
N SER G 69 -18.21 -25.67 29.30
CA SER G 69 -17.31 -26.82 29.33
C SER G 69 -16.10 -26.56 28.45
N THR G 70 -14.88 -26.84 28.97
CA THR G 70 -13.62 -26.63 28.25
C THR G 70 -13.49 -27.63 27.10
N VAL G 71 -13.09 -27.12 25.92
CA VAL G 71 -12.92 -27.87 24.69
C VAL G 71 -11.43 -27.96 24.32
N TRP G 72 -10.66 -26.88 24.58
CA TRP G 72 -9.24 -26.79 24.25
C TRP G 72 -8.53 -25.78 25.15
N ARG G 73 -7.24 -26.03 25.45
CA ARG G 73 -6.37 -25.17 26.27
C ARG G 73 -4.97 -25.09 25.64
N SER G 74 -4.31 -23.93 25.72
CA SER G 74 -2.97 -23.76 25.14
C SER G 74 -1.85 -24.39 26.03
N ARG G 75 -2.19 -24.84 27.27
CA ARG G 75 -1.32 -25.48 28.27
C ARG G 75 -0.22 -24.57 28.85
N ALA G 76 0.40 -23.68 28.03
CA ALA G 76 1.46 -22.77 28.48
C ALA G 76 0.91 -21.75 29.50
N LYS G 77 1.54 -21.68 30.67
CA LYS G 77 1.12 -20.79 31.75
C LYS G 77 2.32 -20.08 32.38
N SER G 78 2.07 -18.91 32.97
CA SER G 78 3.06 -18.14 33.70
C SER G 78 2.42 -17.59 35.01
N VAL G 79 3.03 -16.58 35.64
CA VAL G 79 2.58 -16.00 36.92
C VAL G 79 1.24 -15.26 36.76
N LYS G 80 0.45 -15.13 37.86
CA LYS G 80 -0.82 -14.42 37.84
C LYS G 80 -0.61 -12.95 37.47
N GLY G 81 -1.40 -12.48 36.52
CA GLY G 81 -1.31 -11.09 36.04
C GLY G 81 -2.23 -10.83 34.87
N ASN G 82 -1.96 -9.73 34.16
CA ASN G 82 -2.68 -9.27 32.98
C ASN G 82 -1.93 -9.69 31.71
N TYR G 83 -2.62 -10.37 30.81
CA TYR G 83 -2.04 -10.91 29.60
C TYR G 83 -2.72 -10.38 28.35
N ALA G 84 -2.06 -10.53 27.21
CA ALA G 84 -2.59 -10.11 25.92
C ALA G 84 -2.24 -11.13 24.83
N ALA G 85 -3.26 -11.62 24.12
CA ALA G 85 -3.11 -12.48 22.95
C ALA G 85 -3.20 -11.56 21.75
N VAL G 86 -2.08 -11.40 21.02
CA VAL G 86 -1.99 -10.44 19.93
C VAL G 86 -1.77 -11.13 18.59
N LEU G 87 -2.51 -10.69 17.55
CA LEU G 87 -2.30 -11.22 16.21
C LEU G 87 -1.21 -10.39 15.53
N HIS G 88 0.00 -10.98 15.46
CA HIS G 88 1.21 -10.38 14.90
C HIS G 88 1.06 -10.22 13.39
N PRO G 89 1.57 -9.11 12.78
CA PRO G 89 1.41 -8.93 11.32
C PRO G 89 2.13 -9.99 10.47
N ASP G 90 3.03 -10.80 11.08
CA ASP G 90 3.71 -11.85 10.34
C ASP G 90 2.85 -13.14 10.28
N GLY G 91 1.68 -13.10 10.91
CA GLY G 91 0.73 -14.19 10.87
C GLY G 91 0.81 -15.24 11.95
N ARG G 92 1.01 -14.79 13.19
CA ARG G 92 1.04 -15.65 14.36
C ARG G 92 0.22 -15.03 15.47
N LEU G 93 -0.51 -15.87 16.22
CA LEU G 93 -1.19 -15.40 17.43
C LEU G 93 -0.21 -15.63 18.56
N VAL G 94 0.14 -14.59 19.32
CA VAL G 94 1.15 -14.67 20.38
C VAL G 94 0.57 -14.22 21.70
N VAL G 95 0.82 -15.00 22.77
CA VAL G 95 0.38 -14.60 24.12
C VAL G 95 1.56 -13.94 24.81
N PHE G 96 1.37 -12.67 25.22
CA PHE G 96 2.41 -11.90 25.93
C PHE G 96 1.97 -11.60 27.34
N GLY G 97 2.92 -11.69 28.27
CA GLY G 97 2.61 -11.36 29.64
C GLY G 97 3.52 -11.91 30.71
N PRO G 98 3.35 -11.43 31.96
CA PRO G 98 2.36 -10.42 32.39
C PRO G 98 2.70 -9.00 31.96
N SER G 99 1.80 -8.05 32.23
CA SER G 99 2.05 -6.64 31.94
C SER G 99 3.18 -6.15 32.86
N VAL G 100 4.11 -5.32 32.34
CA VAL G 100 5.25 -4.82 33.13
C VAL G 100 5.22 -3.30 33.27
N PHE G 101 4.38 -2.60 32.48
CA PHE G 101 4.35 -1.14 32.52
C PHE G 101 3.02 -0.62 32.00
N LYS G 102 2.53 0.47 32.60
CA LYS G 102 1.26 1.08 32.18
C LYS G 102 1.35 2.61 32.23
N ILE G 103 0.87 3.23 31.15
CA ILE G 103 0.68 4.68 30.99
C ILE G 103 -0.81 4.90 31.11
N ASP G 104 -1.22 5.70 32.11
CA ASP G 104 -2.63 5.96 32.39
C ASP G 104 -2.98 7.42 32.09
N PRO G 105 -3.68 7.70 30.98
CA PRO G 105 -4.07 9.09 30.69
C PRO G 105 -5.37 9.50 31.36
N TRP G 106 -5.94 8.63 32.22
CA TRP G 106 -7.20 8.91 32.91
C TRP G 106 -6.95 9.49 34.30
N VAL G 107 -5.70 9.40 34.78
CA VAL G 107 -5.26 10.01 36.04
C VAL G 107 -4.15 11.01 35.66
N PRO G 108 -3.95 12.13 36.40
CA PRO G 108 -2.96 13.14 35.98
C PRO G 108 -1.53 12.65 35.75
N GLY G 109 -1.06 11.72 36.58
CA GLY G 109 0.30 11.20 36.49
C GLY G 109 0.50 9.91 35.72
N LEU G 110 -0.54 9.36 35.13
N ASN H 1 12.67 -5.64 8.99
CA ASN H 1 11.84 -4.83 9.88
C ASN H 1 10.45 -5.42 9.97
N ILE H 2 9.84 -5.33 11.17
CA ILE H 2 8.50 -5.83 11.44
C ILE H 2 7.47 -4.87 10.83
N PRO H 3 6.47 -5.36 10.05
CA PRO H 3 5.45 -4.44 9.50
C PRO H 3 4.75 -3.66 10.60
N PHE H 4 4.39 -2.41 10.32
CA PHE H 4 3.74 -1.58 11.33
C PHE H 4 2.23 -1.86 11.42
N THR H 5 1.71 -1.87 12.66
CA THR H 5 0.30 -1.98 13.01
C THR H 5 -0.01 -0.76 13.86
N ASP H 6 -1.06 0.00 13.52
CA ASP H 6 -1.40 1.28 14.13
C ASP H 6 -1.40 1.31 15.68
N ASN H 7 -1.89 0.26 16.36
CA ASN H 7 -2.01 0.26 17.83
C ASN H 7 -0.95 -0.56 18.57
N LEU H 8 0.06 -1.10 17.86
CA LEU H 8 1.10 -1.95 18.46
C LEU H 8 2.51 -1.47 18.18
N LEU H 9 3.41 -1.78 19.11
CA LEU H 9 4.84 -1.54 18.96
C LEU H 9 5.54 -2.75 19.55
N PHE H 10 6.05 -3.63 18.68
CA PHE H 10 6.76 -4.82 19.12
C PHE H 10 8.21 -4.49 19.41
N SER H 11 8.87 -5.33 20.24
CA SER H 11 10.30 -5.20 20.55
C SER H 11 11.10 -5.03 19.25
N GLY H 12 11.96 -4.01 19.20
CA GLY H 12 12.76 -3.74 18.00
C GLY H 12 12.21 -2.64 17.10
N GLN H 13 10.88 -2.39 17.10
CA GLN H 13 10.34 -1.32 16.24
C GLN H 13 10.70 0.06 16.83
N VAL H 14 10.85 1.08 15.96
CA VAL H 14 11.20 2.43 16.44
C VAL H 14 10.20 3.47 15.94
N LEU H 15 9.92 4.47 16.78
CA LEU H 15 9.09 5.62 16.45
C LEU H 15 9.90 6.85 16.66
N TYR H 16 9.77 7.83 15.75
CA TYR H 16 10.50 9.11 15.86
C TYR H 16 9.82 10.13 14.94
N GLY H 17 10.20 11.40 15.10
CA GLY H 17 9.73 12.50 14.27
C GLY H 17 8.24 12.54 14.02
N ASP H 18 7.45 12.46 15.11
CA ASP H 18 5.98 12.49 15.15
C ASP H 18 5.34 11.15 14.75
N GLY H 19 6.16 10.09 14.67
CA GLY H 19 5.71 8.71 14.47
C GLY H 19 4.83 8.39 15.66
N ARG H 20 3.71 7.69 15.42
CA ARG H 20 2.76 7.46 16.50
C ARG H 20 2.00 6.13 16.44
N LEU H 21 1.42 5.77 17.59
CA LEU H 21 0.43 4.69 17.71
C LEU H 21 -0.92 5.37 17.75
N THR H 22 -1.95 4.74 17.16
CA THR H 22 -3.33 5.27 17.17
C THR H 22 -4.31 4.14 17.48
N ALA H 23 -5.35 4.47 18.24
CA ALA H 23 -6.45 3.55 18.58
C ALA H 23 -7.64 4.40 18.90
N LYS H 24 -8.71 4.27 18.10
CA LYS H 24 -9.92 5.08 18.26
C LYS H 24 -9.50 6.57 18.17
N ASN H 25 -9.76 7.38 19.21
CA ASN H 25 -9.40 8.80 19.24
C ASN H 25 -8.12 9.04 20.06
N HIS H 26 -7.45 7.96 20.50
CA HIS H 26 -6.21 8.04 21.29
C HIS H 26 -4.99 7.99 20.37
N GLN H 27 -3.91 8.66 20.79
CA GLN H 27 -2.66 8.60 20.04
C GLN H 27 -1.47 8.72 20.98
N LEU H 28 -0.41 7.96 20.72
CA LEU H 28 0.85 8.01 21.48
C LEU H 28 1.91 8.42 20.50
N VAL H 29 2.40 9.66 20.61
CA VAL H 29 3.31 10.28 19.64
C VAL H 29 4.73 10.50 20.17
N MET H 30 5.74 9.99 19.43
CA MET H 30 7.15 10.28 19.75
C MET H 30 7.46 11.55 18.95
N GLN H 31 7.27 12.70 19.58
CA GLN H 31 7.37 13.99 18.92
C GLN H 31 8.80 14.40 18.56
N GLY H 32 8.89 15.31 17.59
CA GLY H 32 10.15 15.88 17.14
C GLY H 32 10.85 16.73 18.18
N ASP H 33 10.11 17.14 19.25
CA ASP H 33 10.65 17.96 20.34
C ASP H 33 11.16 17.10 21.51
N CYS H 34 11.29 15.75 21.30
CA CYS H 34 11.81 14.72 22.22
CA CYS H 34 11.80 14.76 22.27
C CYS H 34 10.81 14.39 23.35
N ASN H 35 9.56 14.84 23.24
CA ASN H 35 8.54 14.52 24.24
C ASN H 35 7.63 13.40 23.73
N LEU H 36 7.46 12.34 24.54
CA LEU H 36 6.54 11.24 24.23
C LEU H 36 5.21 11.63 24.82
N VAL H 37 4.18 11.82 23.96
CA VAL H 37 2.89 12.34 24.43
C VAL H 37 1.72 11.45 24.05
N LEU H 38 0.88 11.14 25.03
CA LEU H 38 -0.35 10.41 24.81
C LEU H 38 -1.47 11.43 24.77
N TYR H 39 -2.04 11.66 23.60
CA TYR H 39 -3.18 12.55 23.43
C TYR H 39 -4.42 11.67 23.51
N GLY H 40 -5.10 11.72 24.65
CA GLY H 40 -6.28 10.92 24.90
C GLY H 40 -6.62 10.88 26.37
N GLY H 41 -7.74 10.27 26.69
CA GLY H 41 -8.21 10.21 28.07
C GLY H 41 -8.62 11.56 28.59
N LYS H 42 -8.68 11.71 29.92
CA LYS H 42 -9.07 12.96 30.53
C LYS H 42 -7.90 13.95 30.62
N TYR H 43 -6.69 13.45 30.90
CA TYR H 43 -5.52 14.30 31.11
C TYR H 43 -4.43 14.11 30.08
N GLY H 44 -4.44 12.98 29.39
CA GLY H 44 -3.36 12.62 28.49
C GLY H 44 -2.17 12.24 29.35
N TRP H 45 -1.00 12.12 28.73
CA TRP H 45 0.23 11.79 29.44
C TRP H 45 1.42 12.30 28.66
N GLN H 46 2.51 12.63 29.37
CA GLN H 46 3.74 13.05 28.71
C GLN H 46 4.95 12.53 29.50
N SER H 47 6.05 12.29 28.80
CA SER H 47 7.30 11.85 29.42
C SER H 47 8.01 13.03 30.09
N ASN H 48 7.57 14.27 29.75
CA ASN H 48 8.10 15.55 30.24
C ASN H 48 9.59 15.66 29.91
N THR H 49 9.93 15.41 28.63
CA THR H 49 11.29 15.43 28.11
C THR H 49 11.42 16.38 26.89
N HIS H 50 10.52 17.37 26.77
CA HIS H 50 10.56 18.39 25.72
C HIS H 50 11.92 19.12 25.74
N GLY H 51 12.62 19.09 24.60
CA GLY H 51 13.92 19.73 24.40
C GLY H 51 15.11 19.10 25.08
N ASN H 52 14.96 17.89 25.63
CA ASN H 52 16.04 17.20 26.36
C ASN H 52 17.10 16.58 25.44
N GLY H 53 16.81 16.50 24.15
CA GLY H 53 17.74 15.97 23.17
C GLY H 53 17.36 16.35 21.74
N GLU H 54 18.17 15.89 20.78
CA GLU H 54 17.91 16.15 19.36
C GLU H 54 17.70 14.83 18.62
N HIS H 55 16.72 14.81 17.67
CA HIS H 55 16.39 13.66 16.80
C HIS H 55 16.20 12.38 17.62
N CYS H 56 15.38 12.50 18.66
CA CYS H 56 15.05 11.42 19.60
CA CYS H 56 15.13 11.37 19.57
C CYS H 56 14.20 10.34 18.95
N PHE H 57 14.34 9.10 19.44
CA PHE H 57 13.56 7.97 18.96
C PHE H 57 13.17 7.08 20.13
N LEU H 58 12.07 6.34 19.95
CA LEU H 58 11.49 5.43 20.94
C LEU H 58 11.67 3.98 20.49
N ARG H 59 12.13 3.13 21.40
CA ARG H 59 12.35 1.73 21.07
C ARG H 59 12.07 0.84 22.27
N LEU H 60 11.28 -0.22 22.06
CA LEU H 60 11.01 -1.22 23.09
C LEU H 60 12.03 -2.35 22.90
N ASN H 61 12.77 -2.73 23.97
CA ASN H 61 13.79 -3.76 23.84
C ASN H 61 13.22 -5.15 24.16
N HIS H 62 14.09 -6.17 24.21
CA HIS H 62 13.69 -7.56 24.44
C HIS H 62 13.80 -7.92 25.94
N LYS H 63 13.62 -6.92 26.81
CA LYS H 63 13.57 -7.04 28.27
C LYS H 63 12.37 -6.26 28.83
N GLY H 64 11.51 -5.74 27.95
CA GLY H 64 10.33 -4.98 28.33
C GLY H 64 10.54 -3.53 28.70
N GLU H 65 11.71 -2.98 28.37
CA GLU H 65 12.04 -1.59 28.67
C GLU H 65 11.78 -0.71 27.45
N LEU H 66 10.93 0.32 27.62
CA LEU H 66 10.62 1.30 26.58
C LEU H 66 11.56 2.47 26.79
N ILE H 67 12.42 2.77 25.81
CA ILE H 67 13.44 3.80 25.99
C ILE H 67 13.37 4.87 24.90
N ILE H 68 13.60 6.13 25.31
CA ILE H 68 13.78 7.27 24.42
C ILE H 68 15.26 7.53 24.39
N LYS H 69 15.84 7.53 23.19
CA LYS H 69 17.27 7.81 23.00
C LYS H 69 17.43 9.03 22.13
N ASP H 70 18.48 9.84 22.37
CA ASP H 70 18.72 10.97 21.48
C ASP H 70 19.58 10.46 20.30
N ASP H 71 19.98 11.36 19.38
CA ASP H 71 20.75 10.99 18.19
C ASP H 71 22.09 10.29 18.52
N ASP H 72 22.71 10.61 19.68
CA ASP H 72 23.99 10.04 20.10
C ASP H 72 23.82 8.83 21.04
N PHE H 73 22.60 8.24 21.09
CA PHE H 73 22.23 7.09 21.91
C PHE H 73 22.37 7.36 23.43
N LYS H 74 22.14 8.61 23.85
CA LYS H 74 22.10 8.97 25.26
C LYS H 74 20.66 8.75 25.72
N THR H 75 20.46 8.12 26.89
CA THR H 75 19.10 7.87 27.37
C THR H 75 18.45 9.17 27.84
N ILE H 76 17.25 9.45 27.31
CA ILE H 76 16.46 10.62 27.63
C ILE H 76 15.39 10.21 28.65
N TRP H 77 14.83 9.00 28.48
CA TRP H 77 13.76 8.48 29.31
C TRP H 77 13.69 6.98 29.18
N SER H 78 13.29 6.31 30.26
CA SER H 78 13.11 4.87 30.28
C SER H 78 11.89 4.51 31.11
N SER H 79 11.14 3.48 30.69
CA SER H 79 9.98 2.99 31.45
C SER H 79 10.43 2.30 32.75
N ASN H 80 11.73 1.92 32.82
CA ASN H 80 12.38 1.26 33.97
C ASN H 80 11.59 0.00 34.40
N SER H 81 11.10 -0.73 33.39
CA SER H 81 10.28 -1.93 33.57
C SER H 81 10.99 -3.20 33.06
N SER H 82 12.32 -3.30 33.31
CA SER H 82 13.11 -4.45 32.87
C SER H 82 12.60 -5.74 33.51
N SER H 83 12.49 -6.79 32.69
CA SER H 83 11.99 -8.10 33.09
CA SER H 83 12.02 -8.11 33.10
C SER H 83 12.77 -9.21 32.33
N LYS H 84 12.19 -10.43 32.24
CA LYS H 84 12.75 -11.61 31.57
C LYS H 84 13.10 -11.34 30.11
N GLN H 85 14.20 -11.93 29.63
CA GLN H 85 14.58 -11.82 28.22
C GLN H 85 13.49 -12.51 27.37
N GLY H 86 13.09 -11.87 26.28
CA GLY H 86 12.06 -12.40 25.39
C GLY H 86 11.43 -11.35 24.52
N ASP H 87 10.29 -11.69 23.88
CA ASP H 87 9.60 -10.76 22.98
C ASP H 87 8.50 -10.01 23.73
N TYR H 88 8.44 -8.69 23.55
CA TYR H 88 7.46 -7.83 24.22
C TYR H 88 6.63 -7.03 23.23
N VAL H 89 5.51 -6.46 23.70
CA VAL H 89 4.66 -5.62 22.88
C VAL H 89 4.10 -4.47 23.71
N LEU H 90 4.08 -3.28 23.13
CA LEU H 90 3.44 -2.11 23.70
C LEU H 90 2.11 -1.96 22.98
N ILE H 91 1.00 -2.00 23.70
CA ILE H 91 -0.31 -1.86 23.07
C ILE H 91 -0.94 -0.54 23.47
N LEU H 92 -1.34 0.27 22.48
CA LEU H 92 -2.14 1.46 22.78
C LEU H 92 -3.57 0.91 22.75
N ARG H 93 -4.09 0.56 23.94
CA ARG H 93 -5.39 -0.11 24.06
C ARG H 93 -6.58 0.74 23.69
N GLN H 93 -4.09 0.56 23.94
CA GLN H 93 -5.39 -0.11 24.06
C GLN H 93 -6.58 0.74 23.69
N ASP H 94 -7.71 0.08 23.38
CA ASP H 94 -8.96 0.77 23.04
C ASP H 94 -9.49 1.62 24.21
N ASP H 95 -9.11 1.26 25.45
CA ASP H 95 -9.55 1.98 26.64
C ASP H 95 -8.63 3.17 26.99
N GLY H 96 -7.64 3.44 26.15
CA GLY H 96 -6.76 4.59 26.34
C GLY H 96 -5.45 4.32 27.05
N PHE H 97 -5.36 3.19 27.79
CA PHE H 97 -4.10 2.86 28.46
C PHE H 97 -3.06 2.42 27.43
N ALA H 98 -1.78 2.69 27.71
CA ALA H 98 -0.66 2.21 26.90
C ALA H 98 0.07 1.24 27.80
N VAL H 99 0.06 -0.09 27.45
CA VAL H 99 0.57 -1.13 28.33
C VAL H 99 1.62 -2.00 27.63
N ILE H 100 2.72 -2.31 28.34
CA ILE H 100 3.77 -3.21 27.83
C ILE H 100 3.48 -4.60 28.38
N TYR H 101 3.35 -5.59 27.49
CA TYR H 101 3.16 -7.00 27.83
C TYR H 101 4.33 -7.84 27.40
N GLY H 102 4.70 -8.78 28.25
CA GLY H 102 5.75 -9.73 27.91
C GLY H 102 6.35 -10.46 29.08
N PRO H 103 7.22 -11.45 28.82
CA PRO H 103 7.63 -11.96 27.49
C PRO H 103 6.55 -12.81 26.82
N ALA H 104 6.77 -13.14 25.55
CA ALA H 104 5.87 -14.04 24.81
C ALA H 104 6.00 -15.43 25.43
N ILE H 105 4.88 -16.08 25.79
CA ILE H 105 4.91 -17.38 26.49
C ILE H 105 4.36 -18.52 25.63
N TRP H 106 3.63 -18.16 24.55
CA TRP H 106 3.00 -19.12 23.65
C TRP H 106 2.73 -18.48 22.31
N GLU H 107 2.83 -19.26 21.24
CA GLU H 107 2.55 -18.78 19.88
C GLU H 107 2.04 -19.90 19.01
N THR H 108 1.26 -19.54 17.98
CA THR H 108 0.72 -20.49 17.00
C THR H 108 1.85 -21.01 16.10
N SER H 109 2.87 -20.17 15.86
C1 EDO I . -19.75 6.21 -11.40
O1 EDO I . -20.27 7.52 -11.24
C2 EDO I . -20.46 5.27 -10.40
O2 EDO I . -20.37 3.90 -10.82
N1 EPE J . -38.55 -11.05 -5.91
C2 EPE J . -38.47 -9.61 -6.17
C3 EPE J . -38.73 -8.83 -4.90
N4 EPE J . -37.89 -9.35 -3.82
C5 EPE J . -38.34 -10.70 -3.44
C6 EPE J . -39.12 -11.36 -4.58
C7 EPE J . -37.80 -8.45 -2.69
C8 EPE J . -36.38 -7.95 -2.54
O8 EPE J . -36.21 -6.72 -3.22
C9 EPE J . -37.34 -11.83 -6.27
C10 EPE J . -35.97 -11.31 -5.86
C1 EDO K . -16.03 -24.82 -8.24
O1 EDO K . -15.61 -24.57 -6.91
C2 EDO K . -16.29 -26.32 -8.45
O2 EDO K . -17.67 -26.60 -8.29
C1 EDO L . -35.89 -10.11 -10.21
O1 EDO L . -34.84 -9.73 -9.32
C2 EDO L . -37.19 -9.37 -9.80
O2 EDO L . -37.09 -8.01 -10.23
C1 EDO M . -8.70 -8.62 -6.35
O1 EDO M . -8.11 -9.59 -7.15
C2 EDO M . -9.08 -7.37 -7.19
O2 EDO M . -7.89 -6.72 -7.55
C1 EDO N . -12.98 -25.67 -10.49
O1 EDO N . -11.59 -25.92 -10.57
C2 EDO N . -13.62 -25.60 -11.90
O2 EDO N . -13.12 -24.46 -12.57
C1 EDO O . -7.72 -22.98 -5.54
O1 EDO O . -7.61 -21.91 -6.47
C2 EDO O . -8.54 -24.12 -6.17
O2 EDO O . -7.94 -24.54 -7.38
C1 PGE P . 1.19 -24.85 17.80
O1 PGE P . 1.79 -23.97 18.74
C2 PGE P . 0.25 -25.81 18.43
O2 PGE P . -0.66 -25.11 19.29
C3 PGE P . -1.76 -25.88 19.74
C4 PGE P . -1.46 -26.55 21.06
O4 PGE P . 1.65 -25.90 24.54
C6 PGE P . 1.24 -25.91 23.18
C5 PGE P . -0.19 -26.33 23.04
O3 PGE P . -0.80 -25.67 21.94
C1 EDO Q . 3.62 5.68 12.62
O1 EDO Q . 3.44 7.08 12.53
C2 EDO Q . 5.04 5.26 12.18
O2 EDO Q . 5.15 5.32 10.77
#